data_3SUP
#
_entry.id   3SUP
#
_cell.length_a   74.756
_cell.length_b   120.357
_cell.length_c   130.823
_cell.angle_alpha   90.00
_cell.angle_beta   90.00
_cell.angle_gamma   90.00
#
_symmetry.space_group_name_H-M   'P 21 21 21'
#
loop_
_entity.id
_entity.type
_entity.pdbx_description
1 polymer 'DNA polymerase'
2 polymer "5'-D(P*CP*(2PR)P*TP*CP*GP*CP*CP*GP*CP*CP*GP*CP*GP*CP*GP*G)-3'"
3 polymer "5'-D(*CP*GP*CP*GP*CP*GP*GP*CP*GP*GP*CP*GP*(2DA))-3'"
4 non-polymer "2'-DEOXYCYTIDINE-5'-TRIPHOSPHATE"
5 non-polymer 'CALCIUM ION'
6 water water
#
loop_
_entity_poly.entity_id
_entity_poly.type
_entity_poly.pdbx_seq_one_letter_code
_entity_poly.pdbx_strand_id
1 'polypeptide(L)'
;MKEFYLTVEQIGDSIFERYIDSNGRERTREVEYKPSLFAHCPESQATKYFDIYGKPCTRKLFANMRDASQWIKRMEDIGL
EALGMDDFKLAYLSDTYNYEIKYDHTKIRVANFDIEVTSPDGFPEPSQAKHPIDAITHYDSIDDRFYVFDLLNSPYGNVE
EWSIEIAAKLQEQGGDEVPSEIIDKIIYMPFDNEKELLMEYLNFWQQKTPVILTGWNVESFAIPYVYNRIKNIFGESTAK
RLSPHRKTRVKVIENMYGSREIITLFGISVLDYIDLYKKFSFTNQPSYSLDYISEFELNVGKLKYDGPISKLRESNHQRY
ISYNIIAVYRVLQIDAKRQFINLSLDMGYYAKIQIQSVFSPIKTWDAIIFNSLKEQNKVIPQGRSHPVQPYPGAFVKEPI
PNRYKYVMSFDLTSLYPSIIRQVNISPETIAGTFKVAPLHDYINAVAERPSDVYSCSPNGMMYYKDRDGVVPTEITKVFN
QRKEHKGYMLAAQRNGEIIKEALHNPNLSVDEPLDVDYRFDFSDEIKEKIKKLSAKSLNEMLFRAQRTEVAGMTAQINRK
LLINSLAGALGNVWFRYYDLRNATAITTFGQMALQWIERKVNEYLNEVCGTEGEAFVLYGDTDSIYVSADKIIDKVGESK
FRDTNHWVDFLDKFARERMEPAIDRGFREMCEYMNNKQHLMFMDREAIAGPPLGSKGIGGFWTGKKRYALNVWDMEGTRY
AEPKLKIMGLETQKSSTPKAVQKALKECIRRMLQEGEESLQEYFKEFEKEFRQLNYISIASVSSANNIAKYDVGGFPGPK
CPFHIRGILTYNRAIKGNIDAPQVVEGEKVYVLPLREGNPFGDKCIAWPSGTEITDLIKDDVLHWMDYTVLLEKTFIKPL
EGFTSAAKLDYEKKASLFDMFDF
;
A
2 'polydeoxyribonucleotide' (DC)(2PR)(DT)(DC)(DG)(DC)(DC)(DG)(DC)(DC)(DG)(DC)(DG)(DC)(DG)(DG) T
3 'polydeoxyribonucleotide' (DC)(DG)(DC)(DG)(DC)(DG)(DG)(DC)(DG)(DG)(DC)(DG)(2DA) P
#
loop_
_chem_comp.id
_chem_comp.type
_chem_comp.name
_chem_comp.formula
2DA DNA linking 2',3'-DIDEOXYADENOSINE-5'-MONOPHOSPHATE 'C10 H14 N5 O5 P'
2PR DNA linking 2-AMINO-9-[2-DEOXYRIBOFURANOSYL]-9H-PURINE-5'-MONOPHOSPHATE 'C10 H14 N5 O6 P'
CA non-polymer 'CALCIUM ION' 'Ca 2'
DC DNA linking 2'-DEOXYCYTIDINE-5'-MONOPHOSPHATE 'C9 H14 N3 O7 P'
DCP non-polymer 2'-DEOXYCYTIDINE-5'-TRIPHOSPHATE 'C9 H16 N3 O13 P3'
DG DNA linking 2'-DEOXYGUANOSINE-5'-MONOPHOSPHATE 'C10 H14 N5 O7 P'
DT DNA linking THYMIDINE-5'-MONOPHOSPHATE 'C10 H15 N2 O8 P'
#
# COMPACT_ATOMS: atom_id res chain seq x y z
N MET A 1 -24.82 -13.09 -21.46
CA MET A 1 -24.23 -12.19 -20.44
C MET A 1 -24.16 -10.74 -20.94
N LYS A 2 -24.04 -9.79 -20.02
CA LYS A 2 -23.83 -8.39 -20.37
C LYS A 2 -22.39 -8.19 -20.85
N GLU A 3 -22.24 -7.48 -21.96
CA GLU A 3 -20.93 -7.18 -22.53
C GLU A 3 -20.07 -6.29 -21.62
N PHE A 4 -18.75 -6.49 -21.70
CA PHE A 4 -17.80 -5.59 -21.03
C PHE A 4 -16.54 -5.41 -21.85
N TYR A 5 -15.93 -4.24 -21.72
CA TYR A 5 -14.68 -3.94 -22.41
C TYR A 5 -13.52 -4.65 -21.74
N LEU A 6 -12.46 -4.87 -22.51
CA LEU A 6 -11.20 -5.37 -21.99
C LEU A 6 -10.19 -4.23 -22.00
N THR A 7 -9.97 -3.64 -23.17
CA THR A 7 -9.04 -2.51 -23.35
C THR A 7 -9.62 -1.48 -24.29
N VAL A 8 -9.18 -0.24 -24.16
CA VAL A 8 -9.63 0.83 -25.05
C VAL A 8 -8.50 1.80 -25.35
N GLU A 9 -8.40 2.23 -26.61
CA GLU A 9 -7.37 3.18 -27.02
C GLU A 9 -7.90 4.15 -28.05
N GLN A 10 -7.36 5.36 -28.04
CA GLN A 10 -7.61 6.30 -29.11
C GLN A 10 -6.37 6.34 -30.00
N ILE A 11 -6.58 6.06 -31.28
CA ILE A 11 -5.55 6.20 -32.30
C ILE A 11 -6.13 7.08 -33.41
N GLY A 12 -5.65 8.32 -33.46
CA GLY A 12 -6.18 9.32 -34.39
C GLY A 12 -7.66 9.50 -34.17
N ASP A 13 -8.44 9.21 -35.21
CA ASP A 13 -9.89 9.39 -35.16
C ASP A 13 -10.63 8.09 -34.93
N SER A 14 -9.88 7.05 -34.57
CA SER A 14 -10.48 5.77 -34.26
C SER A 14 -10.35 5.43 -32.79
N ILE A 15 -11.39 4.78 -32.27
CA ILE A 15 -11.32 4.11 -30.98
C ILE A 15 -11.09 2.63 -31.26
N PHE A 16 -10.04 2.09 -30.68
CA PHE A 16 -9.79 0.65 -30.78
C PHE A 16 -10.18 -0.01 -29.47
N GLU A 17 -11.13 -0.95 -29.54
CA GLU A 17 -11.63 -1.61 -28.34
C GLU A 17 -11.56 -3.12 -28.45
N ARG A 18 -10.95 -3.75 -27.44
CA ARG A 18 -11.09 -5.17 -27.25
C ARG A 18 -12.17 -5.33 -26.21
N TYR A 19 -13.04 -6.33 -26.37
CA TYR A 19 -14.18 -6.48 -25.47
C TYR A 19 -14.68 -7.92 -25.45
N ILE A 20 -15.50 -8.23 -24.46
CA ILE A 20 -16.18 -9.51 -24.36
C ILE A 20 -17.65 -9.33 -24.78
N ASP A 21 -18.04 -10.02 -25.85
CA ASP A 21 -19.42 -9.93 -26.34
C ASP A 21 -20.41 -10.73 -25.48
N SER A 22 -21.68 -10.66 -25.84
CA SER A 22 -22.76 -11.29 -25.07
C SER A 22 -22.67 -12.81 -24.98
N ASN A 23 -21.68 -13.39 -25.65
CA ASN A 23 -21.48 -14.84 -25.64
C ASN A 23 -20.19 -15.25 -24.95
N GLY A 24 -19.46 -14.26 -24.45
CA GLY A 24 -18.21 -14.50 -23.76
C GLY A 24 -17.05 -14.67 -24.73
N ARG A 25 -17.28 -14.32 -26.00
CA ARG A 25 -16.20 -14.29 -26.98
C ARG A 25 -15.43 -12.96 -26.91
N GLU A 26 -14.12 -13.05 -26.89
CA GLU A 26 -13.26 -11.89 -27.11
C GLU A 26 -13.38 -11.40 -28.54
N ARG A 27 -13.58 -10.08 -28.69
CA ARG A 27 -13.66 -9.45 -29.99
C ARG A 27 -12.89 -8.14 -29.98
N THR A 28 -12.69 -7.58 -31.17
CA THR A 28 -12.05 -6.29 -31.34
C THR A 28 -12.84 -5.52 -32.38
N ARG A 29 -12.88 -4.20 -32.23
CA ARG A 29 -13.56 -3.35 -33.20
C ARG A 29 -12.93 -1.97 -33.25
N GLU A 30 -13.03 -1.33 -34.40
CA GLU A 30 -12.53 0.00 -34.60
C GLU A 30 -13.75 0.87 -34.85
N VAL A 31 -13.89 1.94 -34.07
CA VAL A 31 -15.07 2.79 -34.18
C VAL A 31 -14.65 4.22 -34.41
N GLU A 32 -15.23 4.84 -35.45
CA GLU A 32 -14.99 6.25 -35.72
C GLU A 32 -15.90 7.07 -34.80
N TYR A 33 -15.51 7.12 -33.52
CA TYR A 33 -16.31 7.71 -32.46
C TYR A 33 -16.54 9.20 -32.70
N LYS A 34 -17.77 9.62 -32.48
CA LYS A 34 -18.16 11.01 -32.65
C LYS A 34 -18.40 11.60 -31.27
N PRO A 35 -17.40 12.33 -30.74
CA PRO A 35 -17.47 12.83 -29.39
C PRO A 35 -18.31 14.10 -29.29
N SER A 36 -18.81 14.37 -28.09
CA SER A 36 -19.49 15.63 -27.84
C SER A 36 -18.75 16.43 -26.78
N LEU A 37 -18.70 17.74 -27.00
CA LEU A 37 -18.24 18.67 -25.98
C LEU A 37 -19.30 19.75 -25.83
N PHE A 38 -19.11 20.67 -24.91
CA PHE A 38 -20.20 21.58 -24.53
C PHE A 38 -19.76 23.02 -24.37
N ALA A 39 -20.70 23.93 -24.65
CA ALA A 39 -20.50 25.34 -24.42
C ALA A 39 -21.70 25.91 -23.67
N HIS A 40 -21.43 26.78 -22.70
CA HIS A 40 -22.48 27.58 -22.09
C HIS A 40 -23.30 28.26 -23.20
N CYS A 41 -24.61 28.33 -23.00
CA CYS A 41 -25.49 28.96 -24.00
C CYS A 41 -26.47 29.92 -23.30
N PRO A 42 -27.20 30.76 -24.07
CA PRO A 42 -28.13 31.72 -23.45
C PRO A 42 -29.23 31.04 -22.64
N GLU A 43 -29.62 31.68 -21.54
CA GLU A 43 -30.64 31.15 -20.63
C GLU A 43 -31.95 30.87 -21.35
N SER A 44 -32.17 31.59 -22.45
CA SER A 44 -33.40 31.47 -23.23
C SER A 44 -33.21 30.65 -24.51
N GLN A 45 -32.72 29.42 -24.35
CA GLN A 45 -32.77 28.41 -25.42
C GLN A 45 -32.81 27.00 -24.83
N ALA A 46 -33.78 26.22 -25.32
CA ALA A 46 -34.11 24.91 -24.77
C ALA A 46 -32.96 23.91 -24.85
N THR A 47 -32.65 23.32 -23.70
CA THR A 47 -31.63 22.29 -23.62
C THR A 47 -31.90 21.35 -22.44
N LYS A 48 -31.36 20.14 -22.51
CA LYS A 48 -31.42 19.21 -21.39
C LYS A 48 -30.05 19.07 -20.70
N TYR A 49 -29.06 19.82 -21.19
CA TYR A 49 -27.72 19.76 -20.65
C TYR A 49 -27.39 20.98 -19.79
N PHE A 50 -26.97 20.72 -18.56
CA PHE A 50 -26.59 21.78 -17.64
C PHE A 50 -25.24 21.49 -16.98
N ASP A 51 -24.45 22.53 -16.76
CA ASP A 51 -23.21 22.35 -16.02
C ASP A 51 -23.56 22.09 -14.55
N ILE A 52 -22.55 21.88 -13.70
CA ILE A 52 -22.83 21.44 -12.33
C ILE A 52 -23.46 22.54 -11.45
N TYR A 53 -23.34 23.78 -11.91
CA TYR A 53 -23.93 24.94 -11.24
C TYR A 53 -25.34 25.26 -11.76
N GLY A 54 -25.85 24.44 -12.68
CA GLY A 54 -27.21 24.65 -13.21
C GLY A 54 -27.29 25.61 -14.39
N LYS A 55 -26.14 25.90 -15.00
CA LYS A 55 -26.11 26.77 -16.18
C LYS A 55 -26.29 25.97 -17.47
N PRO A 56 -27.21 26.42 -18.34
CA PRO A 56 -27.57 25.71 -19.57
C PRO A 56 -26.40 25.58 -20.53
N CYS A 57 -26.31 24.43 -21.18
CA CYS A 57 -25.23 24.15 -22.13
C CYS A 57 -25.77 23.62 -23.44
N THR A 58 -25.13 24.02 -24.53
CA THR A 58 -25.43 23.45 -25.83
C THR A 58 -24.43 22.34 -26.12
N ARG A 59 -24.91 21.22 -26.64
CA ARG A 59 -24.05 20.11 -27.05
C ARG A 59 -23.48 20.37 -28.45
N LYS A 60 -22.18 20.13 -28.59
CA LYS A 60 -21.55 20.17 -29.91
C LYS A 60 -21.00 18.80 -30.29
N LEU A 61 -21.65 18.19 -31.30
CA LEU A 61 -21.28 16.89 -31.84
C LEU A 61 -20.23 17.06 -32.94
N PHE A 62 -19.10 16.37 -32.79
CA PHE A 62 -17.99 16.52 -33.72
C PHE A 62 -17.90 15.40 -34.76
N ALA A 63 -17.52 15.78 -35.98
CA ALA A 63 -17.35 14.81 -37.08
C ALA A 63 -16.35 13.72 -36.72
N ASN A 64 -15.33 14.08 -35.95
CA ASN A 64 -14.26 13.17 -35.54
C ASN A 64 -13.55 13.70 -34.30
N MET A 65 -12.64 12.93 -33.72
CA MET A 65 -11.99 13.31 -32.46
C MET A 65 -10.96 14.43 -32.59
N ARG A 66 -10.29 14.49 -33.75
CA ARG A 66 -9.33 15.57 -33.99
C ARG A 66 -10.01 16.94 -33.98
N ASP A 67 -11.16 17.05 -34.65
CA ASP A 67 -11.95 18.27 -34.66
C ASP A 67 -12.28 18.72 -33.23
N ALA A 68 -12.77 17.79 -32.41
CA ALA A 68 -13.08 18.05 -31.00
C ALA A 68 -11.89 18.68 -30.24
N SER A 69 -10.70 18.10 -30.45
CA SER A 69 -9.47 18.59 -29.83
C SER A 69 -9.10 19.99 -30.33
N GLN A 70 -9.25 20.22 -31.62
CA GLN A 70 -8.93 21.51 -32.21
C GLN A 70 -9.92 22.59 -31.77
N TRP A 71 -11.14 22.18 -31.44
CA TRP A 71 -12.16 23.11 -30.95
C TRP A 71 -11.81 23.56 -29.53
N ILE A 72 -11.28 22.62 -28.74
CA ILE A 72 -10.80 22.92 -27.39
C ILE A 72 -9.74 24.02 -27.44
N LYS A 73 -8.79 23.88 -28.37
CA LYS A 73 -7.72 24.86 -28.56
C LYS A 73 -8.27 26.22 -28.96
N ARG A 74 -9.26 26.24 -29.85
CA ARG A 74 -9.86 27.51 -30.29
C ARG A 74 -10.58 28.23 -29.16
N MET A 75 -11.22 27.46 -28.27
CA MET A 75 -11.95 28.02 -27.13
C MET A 75 -11.00 28.64 -26.13
N GLU A 76 -9.76 28.12 -26.10
CA GLU A 76 -8.69 28.70 -25.30
C GLU A 76 -8.23 30.03 -25.92
N ASP A 77 -7.96 30.01 -27.24
CA ASP A 77 -7.64 31.23 -27.99
C ASP A 77 -8.71 32.32 -27.83
N ILE A 78 -9.98 31.93 -27.85
CA ILE A 78 -11.09 32.88 -27.64
C ILE A 78 -11.22 33.28 -26.16
N GLY A 79 -10.95 32.36 -25.25
CA GLY A 79 -11.01 32.65 -23.82
C GLY A 79 -12.30 32.21 -23.14
N LEU A 80 -12.88 31.13 -23.65
CA LEU A 80 -14.16 30.62 -23.15
C LEU A 80 -14.03 29.15 -22.77
N GLU A 81 -14.83 28.72 -21.79
CA GLU A 81 -14.74 27.37 -21.28
C GLU A 81 -15.27 26.32 -22.27
N ALA A 82 -14.43 25.31 -22.54
CA ALA A 82 -14.83 24.14 -23.31
C ALA A 82 -15.13 23.03 -22.30
N LEU A 83 -16.41 22.73 -22.13
CA LEU A 83 -16.86 21.79 -21.10
C LEU A 83 -17.01 20.38 -21.68
N GLY A 84 -17.05 19.38 -20.78
CA GLY A 84 -17.23 17.99 -21.20
C GLY A 84 -15.97 17.16 -21.07
N MET A 85 -16.10 15.85 -21.26
CA MET A 85 -15.01 14.92 -21.09
C MET A 85 -14.06 14.95 -22.27
N ASP A 86 -12.92 15.61 -22.06
CA ASP A 86 -11.90 15.79 -23.07
C ASP A 86 -11.02 14.54 -23.28
N ASP A 87 -11.12 13.55 -22.41
CA ASP A 87 -10.49 12.25 -22.66
C ASP A 87 -11.53 11.36 -23.34
N PHE A 88 -11.43 11.28 -24.65
CA PHE A 88 -12.51 10.75 -25.49
C PHE A 88 -12.77 9.27 -25.29
N LYS A 89 -11.74 8.51 -24.95
CA LYS A 89 -11.95 7.10 -24.65
C LYS A 89 -12.79 6.85 -23.39
N LEU A 90 -12.77 7.78 -22.44
CA LEU A 90 -13.62 7.68 -21.25
C LEU A 90 -15.08 7.96 -21.61
N ALA A 91 -15.31 8.91 -22.50
CA ALA A 91 -16.66 9.20 -22.98
C ALA A 91 -17.21 8.05 -23.83
N TYR A 92 -16.32 7.40 -24.59
CA TYR A 92 -16.69 6.21 -25.36
C TYR A 92 -17.17 5.09 -24.46
N LEU A 93 -16.37 4.79 -23.44
CA LEU A 93 -16.70 3.72 -22.49
C LEU A 93 -18.03 4.01 -21.78
N SER A 94 -18.28 5.28 -21.52
CA SER A 94 -19.49 5.72 -20.83
C SER A 94 -20.73 5.59 -21.72
N ASP A 95 -20.57 5.91 -23.01
CA ASP A 95 -21.64 5.73 -23.99
C ASP A 95 -21.91 4.26 -24.30
N THR A 96 -20.84 3.47 -24.39
CA THR A 96 -20.94 2.08 -24.80
C THR A 96 -21.43 1.16 -23.68
N TYR A 97 -21.13 1.51 -22.43
CA TYR A 97 -21.51 0.72 -21.26
C TYR A 97 -22.28 1.61 -20.30
N ASN A 98 -23.48 1.98 -20.72
CA ASN A 98 -24.34 2.87 -19.96
C ASN A 98 -25.12 2.10 -18.89
N TYR A 99 -24.38 1.31 -18.11
CA TYR A 99 -24.94 0.43 -17.08
C TYR A 99 -23.80 0.01 -16.15
N GLU A 100 -24.14 -0.49 -14.96
CA GLU A 100 -23.15 -1.05 -14.04
C GLU A 100 -22.51 -2.29 -14.67
N ILE A 101 -21.18 -2.27 -14.80
CA ILE A 101 -20.47 -3.35 -15.46
C ILE A 101 -20.38 -4.58 -14.59
N LYS A 102 -20.88 -5.69 -15.11
CA LYS A 102 -20.67 -7.00 -14.52
C LYS A 102 -19.62 -7.71 -15.36
N TYR A 103 -18.47 -7.99 -14.76
CA TYR A 103 -17.38 -8.59 -15.50
C TYR A 103 -17.17 -10.03 -15.08
N ASP A 104 -16.63 -10.83 -16.00
CA ASP A 104 -16.31 -12.21 -15.72
C ASP A 104 -14.82 -12.40 -15.87
N HIS A 105 -14.10 -12.44 -14.75
CA HIS A 105 -12.64 -12.52 -14.75
C HIS A 105 -12.09 -13.72 -15.54
N THR A 106 -12.90 -14.78 -15.67
CA THR A 106 -12.45 -16.01 -16.35
C THR A 106 -12.38 -15.82 -17.86
N LYS A 107 -12.94 -14.73 -18.35
CA LYS A 107 -12.88 -14.40 -19.78
C LYS A 107 -11.75 -13.43 -20.09
N ILE A 108 -11.15 -12.88 -19.04
CA ILE A 108 -10.04 -11.94 -19.20
C ILE A 108 -8.72 -12.69 -19.18
N ARG A 109 -7.88 -12.41 -20.18
CA ARG A 109 -6.60 -13.09 -20.33
C ARG A 109 -5.55 -12.34 -19.53
N VAL A 110 -5.14 -12.94 -18.40
CA VAL A 110 -4.12 -12.36 -17.56
C VAL A 110 -2.82 -13.10 -17.86
N ALA A 111 -1.81 -12.34 -18.27
CA ALA A 111 -0.54 -12.90 -18.64
C ALA A 111 0.53 -12.48 -17.64
N ASN A 112 1.33 -13.45 -17.24
CA ASN A 112 2.35 -13.29 -16.22
C ASN A 112 3.61 -13.87 -16.80
N PHE A 113 4.60 -13.02 -17.09
CA PHE A 113 5.84 -13.52 -17.66
C PHE A 113 7.13 -12.97 -17.05
N ASP A 114 8.21 -13.71 -17.27
CA ASP A 114 9.55 -13.33 -16.86
C ASP A 114 10.51 -13.79 -17.95
N ILE A 115 11.57 -13.03 -18.19
CA ILE A 115 12.55 -13.41 -19.19
C ILE A 115 13.95 -13.56 -18.57
N GLU A 116 14.81 -14.32 -19.22
CA GLU A 116 16.19 -14.44 -18.81
C GLU A 116 17.10 -13.95 -19.92
N VAL A 117 18.11 -13.15 -19.54
CA VAL A 117 19.12 -12.65 -20.47
C VAL A 117 20.51 -12.80 -19.85
N THR A 118 21.31 -13.73 -20.36
CA THR A 118 22.71 -13.89 -19.93
C THR A 118 23.55 -12.67 -20.37
N SER A 119 24.29 -12.08 -19.44
CA SER A 119 25.11 -10.90 -19.73
C SER A 119 26.43 -10.85 -18.96
N PRO A 120 27.56 -11.07 -19.66
CA PRO A 120 28.89 -11.04 -19.05
C PRO A 120 29.38 -9.63 -18.67
N ASP A 121 28.99 -8.63 -19.45
CA ASP A 121 29.48 -7.26 -19.25
C ASP A 121 28.55 -6.40 -18.39
N GLY A 122 27.97 -7.00 -17.35
CA GLY A 122 27.13 -6.26 -16.41
C GLY A 122 25.66 -6.29 -16.75
N PHE A 123 24.92 -5.32 -16.21
CA PHE A 123 23.46 -5.29 -16.36
C PHE A 123 23.01 -5.09 -17.80
N PRO A 124 22.08 -5.95 -18.27
CA PRO A 124 21.59 -5.89 -19.64
C PRO A 124 20.56 -4.78 -19.83
N GLU A 125 21.01 -3.63 -20.33
CA GLU A 125 20.14 -2.47 -20.51
C GLU A 125 19.08 -2.74 -21.58
N PRO A 126 17.80 -2.61 -21.20
CA PRO A 126 16.67 -2.86 -22.10
C PRO A 126 16.70 -2.00 -23.36
N SER A 127 17.14 -0.75 -23.23
CA SER A 127 17.18 0.16 -24.41
C SER A 127 18.24 -0.26 -25.43
N GLN A 128 19.25 -0.98 -24.97
CA GLN A 128 20.29 -1.50 -25.86
C GLN A 128 19.93 -2.88 -26.40
N ALA A 129 19.47 -3.76 -25.52
CA ALA A 129 19.13 -5.16 -25.82
C ALA A 129 20.15 -5.89 -26.70
N LYS A 130 21.42 -5.81 -26.31
CA LYS A 130 22.48 -6.37 -27.14
C LYS A 130 22.80 -7.83 -26.85
N HIS A 131 22.08 -8.42 -25.90
CA HIS A 131 22.27 -9.82 -25.55
C HIS A 131 21.04 -10.69 -25.84
N PRO A 132 21.28 -11.94 -26.28
CA PRO A 132 20.20 -12.86 -26.60
C PRO A 132 19.24 -13.08 -25.44
N ILE A 133 17.95 -13.19 -25.75
CA ILE A 133 16.98 -13.65 -24.79
C ILE A 133 17.04 -15.16 -24.78
N ASP A 134 17.37 -15.76 -23.64
CA ASP A 134 17.58 -17.21 -23.59
C ASP A 134 16.51 -18.01 -22.82
N ALA A 135 15.47 -17.33 -22.35
CA ALA A 135 14.36 -17.99 -21.69
C ALA A 135 13.17 -17.06 -21.51
N ILE A 136 11.98 -17.57 -21.81
CA ILE A 136 10.76 -16.87 -21.48
C ILE A 136 9.81 -17.89 -20.89
N THR A 137 9.32 -17.61 -19.69
CA THR A 137 8.18 -18.32 -19.12
C THR A 137 7.02 -17.34 -19.12
N HIS A 138 5.95 -17.73 -19.80
CA HIS A 138 4.74 -16.93 -19.96
C HIS A 138 3.57 -17.76 -19.44
N TYR A 139 2.99 -17.38 -18.29
CA TYR A 139 1.79 -18.05 -17.79
C TYR A 139 0.53 -17.37 -18.34
N ASP A 140 -0.39 -18.18 -18.84
CA ASP A 140 -1.66 -17.70 -19.38
C ASP A 140 -2.79 -18.15 -18.46
N SER A 141 -3.60 -17.19 -18.00
CA SER A 141 -4.62 -17.45 -16.98
C SER A 141 -5.81 -18.24 -17.51
N ILE A 142 -6.08 -18.11 -18.80
CA ILE A 142 -7.18 -18.82 -19.45
C ILE A 142 -6.86 -20.30 -19.74
N ASP A 143 -5.66 -20.57 -20.24
CA ASP A 143 -5.21 -21.96 -20.44
C ASP A 143 -4.78 -22.59 -19.13
N ASP A 144 -4.36 -21.75 -18.18
CA ASP A 144 -3.81 -22.20 -16.90
C ASP A 144 -2.54 -23.00 -17.14
N ARG A 145 -1.67 -22.46 -18.00
CA ARG A 145 -0.44 -23.16 -18.39
C ARG A 145 0.75 -22.22 -18.37
N PHE A 146 1.91 -22.79 -18.04
CA PHE A 146 3.19 -22.09 -18.08
C PHE A 146 3.87 -22.47 -19.39
N TYR A 147 3.94 -21.52 -20.32
CA TYR A 147 4.62 -21.76 -21.59
C TYR A 147 6.06 -21.32 -21.45
N VAL A 148 6.97 -22.27 -21.64
CA VAL A 148 8.40 -22.06 -21.42
C VAL A 148 9.09 -22.07 -22.78
N PHE A 149 9.78 -20.97 -23.10
CA PHE A 149 10.54 -20.85 -24.34
C PHE A 149 12.00 -20.85 -23.95
N ASP A 150 12.70 -21.92 -24.32
CA ASP A 150 14.06 -22.13 -23.87
C ASP A 150 15.04 -22.15 -25.05
N LEU A 151 16.09 -21.32 -24.97
CA LEU A 151 17.10 -21.25 -26.01
C LEU A 151 18.25 -22.21 -25.72
N LEU A 152 18.53 -23.11 -26.65
CA LEU A 152 19.57 -24.14 -26.43
C LEU A 152 20.92 -23.72 -26.97
N ASN A 153 20.92 -22.85 -27.97
CA ASN A 153 22.15 -22.40 -28.60
C ASN A 153 22.27 -20.89 -28.62
N SER A 154 23.39 -20.40 -28.09
CA SER A 154 23.65 -18.97 -27.89
C SER A 154 25.14 -18.70 -28.02
N PRO A 155 25.53 -17.46 -28.40
CA PRO A 155 26.94 -17.09 -28.36
C PRO A 155 27.57 -17.22 -26.95
N TYR A 156 26.74 -17.34 -25.92
CA TYR A 156 27.25 -17.47 -24.54
C TYR A 156 27.21 -18.91 -24.03
N GLY A 157 26.79 -19.84 -24.88
CA GLY A 157 26.89 -21.27 -24.58
C GLY A 157 25.80 -22.12 -25.21
N ASN A 158 26.15 -23.34 -25.62
CA ASN A 158 25.20 -24.32 -26.09
C ASN A 158 24.86 -25.31 -24.97
N VAL A 159 23.57 -25.53 -24.75
CA VAL A 159 23.12 -26.32 -23.61
C VAL A 159 22.19 -27.47 -24.01
N GLU A 160 21.97 -28.40 -23.09
CA GLU A 160 21.03 -29.50 -23.26
C GLU A 160 19.61 -29.07 -22.87
N GLU A 161 18.62 -29.83 -23.31
CA GLU A 161 17.21 -29.56 -22.96
C GLU A 161 16.98 -29.66 -21.47
N TRP A 162 16.05 -28.83 -21.00
CA TRP A 162 15.61 -28.86 -19.60
C TRP A 162 14.83 -30.14 -19.34
N SER A 163 14.97 -30.67 -18.13
CA SER A 163 14.33 -31.93 -17.76
C SER A 163 13.30 -31.71 -16.68
N ILE A 164 12.05 -31.92 -17.05
CA ILE A 164 10.91 -31.79 -16.14
C ILE A 164 11.00 -32.80 -14.99
N GLU A 165 11.58 -33.97 -15.27
CA GLU A 165 11.72 -35.01 -14.25
C GLU A 165 12.65 -34.55 -13.15
N ILE A 166 13.77 -33.95 -13.54
CA ILE A 166 14.75 -33.45 -12.55
C ILE A 166 14.20 -32.23 -11.84
N ALA A 167 13.48 -31.38 -12.57
CA ALA A 167 12.87 -30.18 -12.03
C ALA A 167 11.85 -30.49 -10.93
N ALA A 168 11.12 -31.60 -11.09
CA ALA A 168 10.14 -32.03 -10.09
C ALA A 168 10.79 -32.56 -8.81
N LYS A 169 12.00 -33.10 -8.92
CA LYS A 169 12.67 -33.75 -7.79
C LYS A 169 13.06 -32.77 -6.69
N LEU A 170 13.14 -33.27 -5.45
CA LEU A 170 13.57 -32.46 -4.31
C LEU A 170 15.01 -31.99 -4.49
N GLN A 171 15.35 -30.86 -3.89
CA GLN A 171 16.72 -30.36 -3.96
C GLN A 171 17.73 -31.34 -3.39
N GLU A 172 17.27 -32.22 -2.50
CA GLU A 172 18.09 -33.22 -1.83
C GLU A 172 18.33 -34.42 -2.75
N GLN A 173 17.53 -34.51 -3.81
CA GLN A 173 17.72 -35.54 -4.84
C GLN A 173 18.48 -34.95 -6.01
N GLY A 174 18.87 -33.69 -5.88
CA GLY A 174 19.59 -32.99 -6.93
C GLY A 174 18.67 -32.21 -7.85
N GLY A 175 17.38 -32.24 -7.54
CA GLY A 175 16.36 -31.58 -8.35
C GLY A 175 16.18 -30.11 -8.01
N ASP A 176 15.19 -29.49 -8.64
CA ASP A 176 14.97 -28.04 -8.52
C ASP A 176 13.76 -27.68 -7.67
N GLU A 177 13.01 -28.71 -7.24
CA GLU A 177 11.88 -28.53 -6.33
C GLU A 177 10.82 -27.57 -6.89
N VAL A 178 10.55 -27.68 -8.19
CA VAL A 178 9.44 -26.97 -8.81
C VAL A 178 8.14 -27.57 -8.24
N PRO A 179 7.30 -26.74 -7.59
CA PRO A 179 6.10 -27.21 -6.90
C PRO A 179 5.31 -28.20 -7.75
N SER A 180 4.98 -29.35 -7.17
CA SER A 180 4.32 -30.41 -7.91
C SER A 180 2.98 -29.99 -8.52
N GLU A 181 2.31 -29.03 -7.89
CA GLU A 181 0.97 -28.62 -8.33
C GLU A 181 0.96 -27.88 -9.68
N ILE A 182 2.12 -27.52 -10.21
CA ILE A 182 2.21 -26.88 -11.52
C ILE A 182 2.95 -27.72 -12.59
N ILE A 183 3.61 -28.79 -12.17
CA ILE A 183 4.38 -29.64 -13.09
C ILE A 183 3.56 -30.06 -14.33
N ASP A 184 2.30 -30.44 -14.10
CA ASP A 184 1.40 -30.88 -15.15
C ASP A 184 0.96 -29.72 -16.04
N LYS A 185 1.25 -28.49 -15.62
CA LYS A 185 0.78 -27.29 -16.33
C LYS A 185 1.86 -26.65 -17.21
N ILE A 186 3.02 -27.30 -17.27
CA ILE A 186 4.15 -26.76 -18.04
C ILE A 186 4.16 -27.28 -19.49
N ILE A 187 4.19 -26.34 -20.43
CA ILE A 187 4.34 -26.66 -21.82
C ILE A 187 5.69 -26.12 -22.24
N TYR A 188 6.60 -27.05 -22.49
CA TYR A 188 8.01 -26.74 -22.66
C TYR A 188 8.40 -26.78 -24.13
N MET A 189 9.03 -25.71 -24.59
CA MET A 189 9.42 -25.58 -26.00
C MET A 189 10.86 -25.12 -26.09
N PRO A 190 11.78 -26.04 -26.44
CA PRO A 190 13.17 -25.68 -26.68
C PRO A 190 13.39 -25.19 -28.11
N PHE A 191 14.39 -24.33 -28.31
CA PHE A 191 14.64 -23.73 -29.62
C PHE A 191 16.12 -23.78 -30.01
N ASP A 192 16.38 -24.08 -31.28
CA ASP A 192 17.75 -24.12 -31.81
C ASP A 192 18.42 -22.75 -31.86
N ASN A 193 17.62 -21.71 -32.12
CA ASN A 193 18.15 -20.35 -32.25
C ASN A 193 17.17 -19.28 -31.77
N GLU A 194 17.72 -18.12 -31.39
CA GLU A 194 16.94 -17.02 -30.84
C GLU A 194 15.86 -16.50 -31.79
N LYS A 195 16.16 -16.45 -33.09
CA LYS A 195 15.23 -15.91 -34.07
C LYS A 195 13.93 -16.72 -34.05
N GLU A 196 14.05 -18.04 -34.18
CA GLU A 196 12.86 -18.89 -34.17
C GLU A 196 12.11 -18.82 -32.82
N LEU A 197 12.86 -18.72 -31.72
CA LEU A 197 12.27 -18.54 -30.39
C LEU A 197 11.37 -17.29 -30.37
N LEU A 198 11.89 -16.16 -30.84
CA LEU A 198 11.15 -14.92 -30.81
C LEU A 198 10.00 -14.92 -31.81
N MET A 199 10.20 -15.56 -32.96
CA MET A 199 9.14 -15.64 -33.97
C MET A 199 7.98 -16.49 -33.48
N GLU A 200 8.29 -17.62 -32.86
CA GLU A 200 7.27 -18.48 -32.28
C GLU A 200 6.57 -17.78 -31.11
N TYR A 201 7.33 -17.04 -30.30
CA TYR A 201 6.73 -16.29 -29.18
C TYR A 201 5.74 -15.23 -29.67
N LEU A 202 6.11 -14.50 -30.73
CA LEU A 202 5.23 -13.51 -31.31
C LEU A 202 3.94 -14.14 -31.85
N ASN A 203 4.08 -15.28 -32.52
CA ASN A 203 2.93 -16.03 -33.04
C ASN A 203 2.04 -16.53 -31.90
N PHE A 204 2.67 -16.94 -30.82
CA PHE A 204 2.00 -17.39 -29.62
C PHE A 204 1.21 -16.21 -29.04
N TRP A 205 1.90 -15.07 -28.89
CA TRP A 205 1.32 -13.83 -28.36
C TRP A 205 0.10 -13.41 -29.17
N GLN A 206 0.20 -13.54 -30.49
CA GLN A 206 -0.91 -13.24 -31.39
C GLN A 206 -2.14 -14.10 -31.08
N GLN A 207 -1.93 -15.40 -30.92
CA GLN A 207 -3.04 -16.31 -30.57
C GLN A 207 -3.57 -16.06 -29.17
N LYS A 208 -2.69 -15.69 -28.25
CA LYS A 208 -3.05 -15.56 -26.86
C LYS A 208 -2.62 -14.19 -26.33
N THR A 209 -3.22 -13.15 -26.90
CA THR A 209 -2.87 -11.76 -26.64
C THR A 209 -3.27 -11.37 -25.23
N PRO A 210 -2.29 -10.95 -24.42
CA PRO A 210 -2.59 -10.56 -23.04
C PRO A 210 -3.55 -9.39 -23.01
N VAL A 211 -4.47 -9.39 -22.07
CA VAL A 211 -5.31 -8.22 -21.80
C VAL A 211 -4.66 -7.48 -20.65
N ILE A 212 -4.51 -8.17 -19.53
CA ILE A 212 -3.74 -7.70 -18.39
C ILE A 212 -2.37 -8.33 -18.48
N LEU A 213 -1.33 -7.51 -18.48
CA LEU A 213 0.03 -8.01 -18.55
C LEU A 213 0.74 -7.67 -17.26
N THR A 214 1.22 -8.70 -16.57
CA THR A 214 1.88 -8.47 -15.29
C THR A 214 3.12 -9.33 -15.15
N GLY A 215 3.75 -9.26 -13.97
CA GLY A 215 5.00 -9.94 -13.69
C GLY A 215 5.79 -9.09 -12.73
N TRP A 216 7.06 -9.43 -12.52
CA TRP A 216 7.89 -8.66 -11.60
C TRP A 216 8.91 -7.81 -12.36
N ASN A 217 8.73 -6.49 -12.29
CA ASN A 217 9.53 -5.52 -13.06
C ASN A 217 9.36 -5.58 -14.57
N VAL A 218 8.24 -6.13 -15.04
CA VAL A 218 8.01 -6.24 -16.49
C VAL A 218 7.99 -4.91 -17.22
N GLU A 219 7.47 -3.87 -16.56
CA GLU A 219 7.38 -2.53 -17.17
C GLU A 219 8.76 -1.91 -17.37
N SER A 220 9.64 -2.09 -16.39
CA SER A 220 10.96 -1.48 -16.46
C SER A 220 12.00 -2.37 -17.15
N PHE A 221 11.77 -3.67 -17.18
CA PHE A 221 12.75 -4.57 -17.76
C PHE A 221 12.25 -5.48 -18.89
N ALA A 222 11.40 -6.47 -18.54
CA ALA A 222 10.99 -7.50 -19.50
C ALA A 222 10.35 -6.93 -20.78
N ILE A 223 9.39 -6.03 -20.63
CA ILE A 223 8.67 -5.52 -21.78
C ILE A 223 9.61 -4.76 -22.73
N PRO A 224 10.36 -3.75 -22.22
CA PRO A 224 11.28 -3.06 -23.11
C PRO A 224 12.42 -3.91 -23.65
N TYR A 225 12.90 -4.90 -22.89
CA TYR A 225 13.96 -5.75 -23.41
C TYR A 225 13.46 -6.57 -24.60
N VAL A 226 12.31 -7.21 -24.42
CA VAL A 226 11.69 -8.00 -25.48
C VAL A 226 11.42 -7.13 -26.71
N TYR A 227 10.81 -5.96 -26.49
CA TYR A 227 10.48 -5.04 -27.59
C TYR A 227 11.71 -4.58 -28.38
N ASN A 228 12.76 -4.21 -27.65
CA ASN A 228 13.99 -3.70 -28.26
C ASN A 228 14.85 -4.78 -28.91
N ARG A 229 14.82 -5.97 -28.33
CA ARG A 229 15.57 -7.10 -28.89
C ARG A 229 14.95 -7.54 -30.21
N ILE A 230 13.62 -7.59 -30.24
CA ILE A 230 12.90 -7.93 -31.47
C ILE A 230 13.11 -6.82 -32.50
N LYS A 231 13.01 -5.56 -32.05
CA LYS A 231 13.30 -4.41 -32.89
C LYS A 231 14.71 -4.46 -33.50
N ASN A 232 15.71 -4.74 -32.68
CA ASN A 232 17.10 -4.84 -33.15
C ASN A 232 17.35 -5.98 -34.14
N ILE A 233 16.62 -7.09 -33.99
CA ILE A 233 16.78 -8.27 -34.84
C ILE A 233 15.92 -8.22 -36.11
N PHE A 234 14.68 -7.75 -35.98
CA PHE A 234 13.71 -7.85 -37.07
C PHE A 234 13.27 -6.51 -37.62
N GLY A 235 13.38 -5.47 -36.81
CA GLY A 235 12.88 -4.14 -37.18
C GLY A 235 11.66 -3.77 -36.37
N GLU A 236 11.25 -2.51 -36.48
CA GLU A 236 10.14 -1.97 -35.68
C GLU A 236 8.79 -2.67 -35.89
N SER A 237 8.42 -2.95 -37.14
CA SER A 237 7.11 -3.52 -37.47
C SER A 237 6.87 -4.86 -36.78
N THR A 238 7.94 -5.65 -36.66
CA THR A 238 7.84 -6.92 -35.99
C THR A 238 7.69 -6.71 -34.47
N ALA A 239 8.48 -5.81 -33.89
CA ALA A 239 8.37 -5.49 -32.46
C ALA A 239 6.97 -5.02 -32.09
N LYS A 240 6.37 -4.23 -32.98
CA LYS A 240 5.04 -3.67 -32.75
C LYS A 240 3.91 -4.70 -32.78
N ARG A 241 4.24 -5.95 -33.10
CA ARG A 241 3.26 -7.04 -33.04
C ARG A 241 2.87 -7.39 -31.59
N LEU A 242 3.65 -6.87 -30.63
CA LEU A 242 3.30 -6.96 -29.21
C LEU A 242 2.06 -6.14 -28.86
N SER A 243 1.71 -5.19 -29.72
CA SER A 243 0.45 -4.47 -29.58
C SER A 243 -0.58 -5.02 -30.55
N PRO A 244 -1.77 -5.40 -30.05
CA PRO A 244 -2.83 -5.96 -30.90
C PRO A 244 -3.30 -4.99 -31.99
N HIS A 245 -2.98 -3.70 -31.85
CA HIS A 245 -3.32 -2.70 -32.85
C HIS A 245 -2.07 -2.23 -33.60
N ARG A 246 -0.94 -2.88 -33.34
CA ARG A 246 0.35 -2.53 -33.97
C ARG A 246 0.79 -1.08 -33.75
N LYS A 247 0.45 -0.53 -32.58
CA LYS A 247 0.94 0.81 -32.24
C LYS A 247 1.65 0.81 -30.88
N THR A 248 2.86 1.36 -30.86
CA THR A 248 3.60 1.53 -29.62
C THR A 248 4.10 2.96 -29.49
N ARG A 249 4.43 3.34 -28.26
CA ARG A 249 5.00 4.66 -27.98
C ARG A 249 6.18 4.49 -27.05
N VAL A 250 7.32 5.03 -27.46
CA VAL A 250 8.52 5.02 -26.63
C VAL A 250 8.59 6.36 -25.89
N LYS A 251 8.29 6.32 -24.59
CA LYS A 251 8.09 7.54 -23.81
C LYS A 251 8.70 7.48 -22.40
N VAL A 252 9.41 8.55 -22.04
CA VAL A 252 10.05 8.69 -20.72
C VAL A 252 9.08 9.12 -19.62
N ILE A 253 9.41 8.75 -18.38
CA ILE A 253 8.73 9.23 -17.19
C ILE A 253 9.46 10.47 -16.66
N GLU A 254 8.73 11.56 -16.50
CA GLU A 254 9.30 12.82 -16.00
C GLU A 254 9.41 12.84 -14.47
N ASN A 255 10.58 12.40 -13.97
CA ASN A 255 10.86 12.42 -12.53
C ASN A 255 11.82 13.55 -12.13
N MET A 256 12.58 13.36 -11.04
CA MET A 256 13.48 14.39 -10.55
C MET A 256 14.88 13.82 -10.20
N TYR A 257 15.16 12.62 -10.69
CA TYR A 257 16.43 11.94 -10.42
C TYR A 257 17.11 11.43 -11.70
N GLY A 258 16.46 11.64 -12.84
CA GLY A 258 16.99 11.20 -14.14
C GLY A 258 15.86 10.96 -15.14
N SER A 259 16.00 9.90 -15.94
CA SER A 259 14.98 9.50 -16.92
C SER A 259 15.08 8.02 -17.31
N ARG A 260 13.95 7.34 -17.34
CA ARG A 260 13.85 5.98 -17.86
C ARG A 260 12.70 5.85 -18.87
N GLU A 261 12.95 5.11 -19.95
CA GLU A 261 11.95 4.94 -21.01
C GLU A 261 11.23 3.60 -20.97
N ILE A 262 9.90 3.68 -20.87
CA ILE A 262 9.03 2.51 -20.91
C ILE A 262 8.33 2.45 -22.27
N ILE A 263 7.83 1.26 -22.62
CA ILE A 263 7.16 1.07 -23.89
C ILE A 263 5.65 0.89 -23.66
N THR A 264 4.87 1.77 -24.26
CA THR A 264 3.43 1.70 -24.15
C THR A 264 2.88 0.87 -25.30
N LEU A 265 2.23 -0.24 -24.94
CA LEU A 265 1.67 -1.16 -25.91
C LEU A 265 0.18 -0.90 -25.99
N PHE A 266 -0.23 -0.23 -27.06
CA PHE A 266 -1.64 0.05 -27.28
C PHE A 266 -2.46 -1.24 -27.36
N GLY A 267 -3.58 -1.27 -26.64
CA GLY A 267 -4.43 -2.46 -26.60
C GLY A 267 -4.03 -3.49 -25.55
N ILE A 268 -3.07 -3.13 -24.70
CA ILE A 268 -2.74 -3.96 -23.55
C ILE A 268 -2.73 -3.11 -22.28
N SER A 269 -3.16 -3.69 -21.18
CA SER A 269 -3.10 -3.05 -19.88
C SER A 269 -2.04 -3.68 -19.01
N VAL A 270 -0.92 -2.97 -18.90
CA VAL A 270 0.23 -3.45 -18.16
C VAL A 270 0.06 -3.10 -16.68
N LEU A 271 -0.01 -4.12 -15.83
CA LEU A 271 -0.03 -3.92 -14.39
C LEU A 271 1.19 -4.61 -13.81
N ASP A 272 2.33 -3.93 -13.83
CA ASP A 272 3.57 -4.49 -13.25
C ASP A 272 3.28 -4.80 -11.79
N TYR A 273 3.52 -6.04 -11.36
CA TYR A 273 3.16 -6.43 -9.99
C TYR A 273 3.93 -5.66 -8.92
N ILE A 274 5.16 -5.25 -9.23
CA ILE A 274 5.94 -4.44 -8.26
C ILE A 274 5.20 -3.13 -7.94
N ASP A 275 4.65 -2.49 -8.97
CA ASP A 275 3.92 -1.23 -8.81
C ASP A 275 2.58 -1.46 -8.11
N LEU A 276 1.92 -2.57 -8.43
CA LEU A 276 0.71 -2.97 -7.69
C LEU A 276 1.05 -3.18 -6.22
N TYR A 277 2.12 -3.93 -5.96
CA TYR A 277 2.56 -4.20 -4.59
C TYR A 277 2.86 -2.91 -3.84
N LYS A 278 3.58 -2.00 -4.47
CA LYS A 278 3.98 -0.74 -3.81
C LYS A 278 2.80 0.18 -3.49
N LYS A 279 1.77 0.15 -4.31
CA LYS A 279 0.63 1.04 -4.08
C LYS A 279 -0.41 0.45 -3.13
N PHE A 280 -0.53 -0.88 -3.12
CA PHE A 280 -1.65 -1.51 -2.40
C PHE A 280 -1.28 -2.39 -1.20
N SER A 281 0.00 -2.69 -1.01
CA SER A 281 0.41 -3.58 0.09
C SER A 281 0.49 -2.93 1.47
N PHE A 282 0.67 -1.61 1.50
CA PHE A 282 0.90 -0.88 2.75
C PHE A 282 2.11 -1.44 3.50
N THR A 283 3.19 -1.61 2.74
CA THR A 283 4.48 -1.95 3.29
C THR A 283 5.47 -0.92 2.78
N ASN A 284 6.63 -0.85 3.44
CA ASN A 284 7.83 -0.25 2.85
C ASN A 284 8.91 -1.27 3.13
N GLN A 285 9.46 -1.83 2.06
CA GLN A 285 10.38 -2.96 2.18
C GLN A 285 11.84 -2.53 2.10
N PRO A 286 12.72 -3.23 2.84
CA PRO A 286 14.16 -3.04 2.67
C PRO A 286 14.64 -3.40 1.26
N SER A 287 13.92 -4.30 0.60
CA SER A 287 14.29 -4.76 -0.73
C SER A 287 13.06 -5.13 -1.55
N TYR A 288 13.17 -4.93 -2.86
CA TYR A 288 12.09 -5.27 -3.79
C TYR A 288 12.46 -6.32 -4.83
N SER A 289 13.50 -7.10 -4.57
CA SER A 289 13.78 -8.29 -5.35
C SER A 289 12.66 -9.29 -5.10
N LEU A 290 12.42 -10.17 -6.07
CA LEU A 290 11.32 -11.14 -5.96
C LEU A 290 11.56 -12.16 -4.85
N ASP A 291 12.82 -12.56 -4.65
CA ASP A 291 13.24 -13.43 -3.55
C ASP A 291 12.78 -12.87 -2.23
N TYR A 292 13.07 -11.59 -2.02
CA TYR A 292 12.84 -10.94 -0.74
C TYR A 292 11.35 -10.79 -0.48
N ILE A 293 10.59 -10.31 -1.48
CA ILE A 293 9.15 -10.13 -1.33
C ILE A 293 8.42 -11.48 -1.20
N SER A 294 8.86 -12.47 -1.98
CA SER A 294 8.34 -13.84 -1.85
C SER A 294 8.52 -14.42 -0.46
N GLU A 295 9.70 -14.25 0.12
CA GLU A 295 9.97 -14.81 1.45
C GLU A 295 9.11 -14.10 2.51
N PHE A 296 8.92 -12.80 2.33
CA PHE A 296 8.08 -12.03 3.25
C PHE A 296 6.62 -12.46 3.13
N GLU A 297 6.11 -12.52 1.91
CA GLU A 297 4.69 -12.77 1.68
C GLU A 297 4.29 -14.23 1.89
N LEU A 298 5.17 -15.14 1.51
CA LEU A 298 4.83 -16.56 1.37
C LEU A 298 5.58 -17.48 2.32
N ASN A 299 6.68 -17.01 2.89
CA ASN A 299 7.57 -17.86 3.68
C ASN A 299 8.26 -18.97 2.89
N VAL A 300 8.63 -18.67 1.65
CA VAL A 300 9.41 -19.61 0.85
C VAL A 300 10.86 -19.19 0.84
N GLY A 301 11.77 -20.17 0.89
CA GLY A 301 13.21 -19.88 0.90
C GLY A 301 13.67 -19.29 -0.42
N LYS A 302 14.73 -18.48 -0.36
CA LYS A 302 15.35 -17.90 -1.57
C LYS A 302 15.74 -18.97 -2.59
N LEU A 303 15.80 -18.59 -3.87
CA LEU A 303 16.32 -19.48 -4.90
C LEU A 303 17.85 -19.49 -4.82
N LYS A 304 18.40 -20.64 -4.44
CA LYS A 304 19.83 -20.77 -4.17
C LYS A 304 20.59 -21.33 -5.36
N TYR A 305 21.69 -20.70 -5.72
CA TYR A 305 22.58 -21.18 -6.77
C TYR A 305 24.02 -20.72 -6.55
N ASP A 306 24.96 -21.37 -7.23
CA ASP A 306 26.39 -21.06 -7.11
C ASP A 306 26.89 -20.18 -8.28
N GLY A 307 27.78 -19.26 -7.97
CA GLY A 307 28.34 -18.34 -8.97
C GLY A 307 27.37 -17.25 -9.39
N PRO A 308 27.84 -16.29 -10.21
CA PRO A 308 26.96 -15.20 -10.65
C PRO A 308 25.91 -15.69 -11.65
N ILE A 309 24.77 -15.04 -11.67
CA ILE A 309 23.67 -15.35 -12.60
C ILE A 309 24.15 -15.30 -14.06
N SER A 310 25.20 -14.52 -14.30
CA SER A 310 25.79 -14.39 -15.64
C SER A 310 26.54 -15.67 -16.08
N LYS A 311 26.68 -16.62 -15.17
CA LYS A 311 27.29 -17.91 -15.49
C LYS A 311 26.38 -19.09 -15.19
N LEU A 312 25.17 -18.80 -14.69
CA LEU A 312 24.24 -19.84 -14.29
C LEU A 312 23.71 -20.68 -15.45
N ARG A 313 23.39 -20.03 -16.58
CA ARG A 313 22.88 -20.77 -17.72
C ARG A 313 23.88 -21.82 -18.21
N GLU A 314 25.14 -21.43 -18.37
CA GLU A 314 26.15 -22.36 -18.90
C GLU A 314 26.62 -23.38 -17.87
N SER A 315 26.64 -23.00 -16.60
CA SER A 315 27.07 -23.90 -15.55
C SER A 315 25.95 -24.85 -15.10
N ASN A 316 24.72 -24.34 -15.05
CA ASN A 316 23.55 -25.14 -14.65
C ASN A 316 22.29 -24.68 -15.36
N HIS A 317 22.13 -25.09 -16.61
CA HIS A 317 20.98 -24.70 -17.42
C HIS A 317 19.67 -25.25 -16.87
N GLN A 318 19.75 -26.43 -16.25
CA GLN A 318 18.60 -27.09 -15.66
C GLN A 318 17.93 -26.19 -14.61
N ARG A 319 18.74 -25.74 -13.64
CA ARG A 319 18.30 -24.82 -12.61
C ARG A 319 17.87 -23.46 -13.15
N TYR A 320 18.62 -22.95 -14.12
CA TYR A 320 18.35 -21.67 -14.77
C TYR A 320 16.93 -21.60 -15.28
N ILE A 321 16.51 -22.62 -16.00
CA ILE A 321 15.15 -22.69 -16.52
C ILE A 321 14.14 -22.87 -15.38
N SER A 322 14.44 -23.77 -14.45
CA SER A 322 13.52 -24.03 -13.33
C SER A 322 13.25 -22.79 -12.49
N TYR A 323 14.30 -22.02 -12.22
CA TYR A 323 14.17 -20.80 -11.43
C TYR A 323 13.38 -19.75 -12.19
N ASN A 324 13.47 -19.78 -13.52
CA ASN A 324 12.69 -18.88 -14.36
C ASN A 324 11.20 -19.22 -14.28
N ILE A 325 10.88 -20.52 -14.31
CA ILE A 325 9.50 -20.96 -14.14
C ILE A 325 8.98 -20.60 -12.74
N ILE A 326 9.79 -20.85 -11.72
CA ILE A 326 9.40 -20.61 -10.33
C ILE A 326 9.14 -19.13 -10.03
N ALA A 327 9.98 -18.26 -10.60
CA ALA A 327 9.79 -16.81 -10.47
C ALA A 327 8.39 -16.38 -10.94
N VAL A 328 7.93 -16.94 -12.04
CA VAL A 328 6.60 -16.61 -12.57
C VAL A 328 5.54 -17.07 -11.59
N TYR A 329 5.62 -18.32 -11.16
CA TYR A 329 4.67 -18.88 -10.21
C TYR A 329 4.59 -18.08 -8.91
N ARG A 330 5.74 -17.58 -8.45
CA ARG A 330 5.77 -16.85 -7.20
C ARG A 330 4.93 -15.58 -7.22
N VAL A 331 4.93 -14.86 -8.34
CA VAL A 331 4.04 -13.72 -8.50
C VAL A 331 2.56 -14.14 -8.45
N LEU A 332 2.21 -15.25 -9.11
CA LEU A 332 0.85 -15.78 -9.05
C LEU A 332 0.45 -16.12 -7.62
N GLN A 333 1.38 -16.67 -6.85
CA GLN A 333 1.14 -17.05 -5.47
C GLN A 333 0.96 -15.82 -4.57
N ILE A 334 1.78 -14.80 -4.81
CA ILE A 334 1.61 -13.53 -4.12
C ILE A 334 0.21 -12.96 -4.43
N ASP A 335 -0.19 -13.00 -5.70
CA ASP A 335 -1.52 -12.56 -6.07
C ASP A 335 -2.66 -13.39 -5.49
N ALA A 336 -2.52 -14.72 -5.48
CA ALA A 336 -3.51 -15.59 -4.85
C ALA A 336 -3.82 -15.14 -3.42
N LYS A 337 -2.80 -14.60 -2.76
CA LYS A 337 -2.89 -14.13 -1.38
C LYS A 337 -3.41 -12.68 -1.29
N ARG A 338 -2.75 -11.76 -2.01
CA ARG A 338 -3.03 -10.33 -1.89
C ARG A 338 -4.22 -9.89 -2.70
N GLN A 339 -4.43 -10.53 -3.85
CA GLN A 339 -5.58 -10.27 -4.74
C GLN A 339 -5.61 -8.85 -5.35
N PHE A 340 -4.43 -8.34 -5.74
CA PHE A 340 -4.32 -6.99 -6.32
C PHE A 340 -4.88 -6.90 -7.74
N ILE A 341 -4.76 -7.96 -8.52
CA ILE A 341 -5.36 -7.99 -9.87
C ILE A 341 -6.89 -7.84 -9.75
N ASN A 342 -7.49 -8.66 -8.90
CA ASN A 342 -8.91 -8.58 -8.53
C ASN A 342 -9.33 -7.17 -8.12
N LEU A 343 -8.58 -6.58 -7.20
CA LEU A 343 -8.83 -5.21 -6.77
C LEU A 343 -8.82 -4.23 -7.94
N SER A 344 -7.80 -4.34 -8.77
CA SER A 344 -7.63 -3.49 -9.95
C SER A 344 -8.80 -3.61 -10.90
N LEU A 345 -9.19 -4.83 -11.22
CA LEU A 345 -10.33 -5.05 -12.12
C LEU A 345 -11.63 -4.49 -11.51
N ASP A 346 -11.84 -4.71 -10.21
CA ASP A 346 -12.98 -4.13 -9.50
C ASP A 346 -13.06 -2.61 -9.59
N MET A 347 -11.96 -1.92 -9.27
CA MET A 347 -11.89 -0.46 -9.34
C MET A 347 -12.02 0.02 -10.78
N GLY A 348 -11.28 -0.64 -11.67
CA GLY A 348 -11.26 -0.29 -13.09
C GLY A 348 -12.62 -0.32 -13.73
N TYR A 349 -13.34 -1.43 -13.56
CA TYR A 349 -14.66 -1.54 -14.16
C TYR A 349 -15.68 -0.62 -13.48
N TYR A 350 -15.52 -0.41 -12.18
CA TYR A 350 -16.41 0.47 -11.43
C TYR A 350 -16.31 1.90 -11.97
N ALA A 351 -15.09 2.39 -12.16
CA ALA A 351 -14.83 3.75 -12.64
C ALA A 351 -15.06 3.88 -14.15
N LYS A 352 -14.97 2.76 -14.86
CA LYS A 352 -15.03 2.69 -16.33
C LYS A 352 -13.83 3.39 -16.95
N ILE A 353 -12.65 2.93 -16.56
CA ILE A 353 -11.40 3.48 -17.02
C ILE A 353 -10.58 2.33 -17.59
N GLN A 354 -9.47 2.67 -18.24
CA GLN A 354 -8.46 1.67 -18.59
C GLN A 354 -8.01 1.05 -17.27
N ILE A 355 -7.84 -0.28 -17.24
CA ILE A 355 -7.47 -0.94 -15.97
C ILE A 355 -6.20 -0.36 -15.37
N GLN A 356 -5.21 -0.06 -16.21
CA GLN A 356 -3.94 0.49 -15.69
C GLN A 356 -4.08 1.87 -15.03
N SER A 357 -5.22 2.53 -15.22
CA SER A 357 -5.46 3.84 -14.57
C SER A 357 -5.77 3.75 -13.08
N VAL A 358 -5.95 2.53 -12.56
CA VAL A 358 -6.11 2.33 -11.10
C VAL A 358 -4.95 2.93 -10.30
N PHE A 359 -3.77 3.06 -10.92
CA PHE A 359 -2.62 3.73 -10.30
C PHE A 359 -2.84 5.22 -10.07
N SER A 360 -3.89 5.74 -10.68
CA SER A 360 -4.19 7.16 -10.63
C SER A 360 -5.60 7.40 -10.05
N PRO A 361 -5.66 7.72 -8.75
CA PRO A 361 -6.94 8.04 -8.12
C PRO A 361 -7.59 9.29 -8.73
N ILE A 362 -6.79 10.25 -9.17
CA ILE A 362 -7.31 11.41 -9.91
C ILE A 362 -8.09 10.98 -11.18
N LYS A 363 -7.52 10.06 -11.95
CA LYS A 363 -8.18 9.57 -13.15
C LYS A 363 -9.38 8.71 -12.78
N THR A 364 -9.24 7.96 -11.69
CA THR A 364 -10.30 7.09 -11.20
C THR A 364 -11.52 7.91 -10.80
N TRP A 365 -11.30 8.95 -9.99
CA TRP A 365 -12.39 9.79 -9.52
C TRP A 365 -12.95 10.68 -10.61
N ASP A 366 -12.09 11.15 -11.51
CA ASP A 366 -12.57 11.92 -12.65
C ASP A 366 -13.61 11.12 -13.45
N ALA A 367 -13.34 9.84 -13.71
CA ALA A 367 -14.27 9.00 -14.44
C ALA A 367 -15.52 8.62 -13.65
N ILE A 368 -15.38 8.32 -12.36
CA ILE A 368 -16.53 8.06 -11.51
C ILE A 368 -17.51 9.26 -11.51
N ILE A 369 -16.97 10.45 -11.26
CA ILE A 369 -17.76 11.67 -11.16
C ILE A 369 -18.39 12.03 -12.51
N PHE A 370 -17.63 11.88 -13.59
CA PHE A 370 -18.13 12.11 -14.95
C PHE A 370 -19.29 11.17 -15.33
N ASN A 371 -19.16 9.88 -15.02
CA ASN A 371 -20.25 8.93 -15.27
C ASN A 371 -21.49 9.23 -14.42
N SER A 372 -21.28 9.60 -13.17
CA SER A 372 -22.39 9.93 -12.28
C SER A 372 -23.15 11.17 -12.78
N LEU A 373 -22.41 12.18 -13.24
CA LEU A 373 -23.00 13.42 -13.71
C LEU A 373 -23.69 13.24 -15.07
N LYS A 374 -23.03 12.54 -15.99
CA LYS A 374 -23.61 12.20 -17.29
C LYS A 374 -24.98 11.53 -17.18
N GLU A 375 -25.15 10.62 -16.22
CA GLU A 375 -26.44 10.00 -15.92
C GLU A 375 -27.59 11.01 -15.72
N GLN A 376 -27.28 12.18 -15.17
CA GLN A 376 -28.29 13.20 -14.94
C GLN A 376 -28.29 14.28 -16.03
N ASN A 377 -27.61 14.00 -17.14
CA ASN A 377 -27.43 14.95 -18.25
C ASN A 377 -26.65 16.22 -17.87
N LYS A 378 -25.81 16.10 -16.85
CA LYS A 378 -24.99 17.21 -16.41
C LYS A 378 -23.62 17.17 -17.08
N VAL A 379 -23.00 18.34 -17.18
CA VAL A 379 -21.76 18.51 -17.92
C VAL A 379 -20.62 18.92 -16.99
N ILE A 380 -19.50 18.21 -17.09
CA ILE A 380 -18.33 18.48 -16.24
C ILE A 380 -17.59 19.74 -16.68
N PRO A 381 -17.01 20.49 -15.72
CA PRO A 381 -16.26 21.69 -16.13
C PRO A 381 -14.93 21.32 -16.76
N GLN A 382 -14.36 22.24 -17.55
CA GLN A 382 -13.02 22.07 -18.10
C GLN A 382 -12.00 22.12 -16.99
N GLY A 383 -10.95 21.31 -17.13
CA GLY A 383 -9.80 21.40 -16.23
C GLY A 383 -9.07 22.72 -16.42
N ARG A 384 -8.69 23.35 -15.31
CA ARG A 384 -8.00 24.63 -15.32
C ARG A 384 -6.59 24.52 -14.75
N SER A 385 -5.78 25.54 -15.00
CA SER A 385 -4.40 25.59 -14.52
C SER A 385 -4.36 26.24 -13.13
N HIS A 386 -3.59 25.67 -12.21
CA HIS A 386 -3.47 26.25 -10.87
C HIS A 386 -2.03 26.23 -10.39
N PRO A 387 -1.60 27.32 -9.72
CA PRO A 387 -0.33 27.30 -9.00
C PRO A 387 -0.46 26.40 -7.77
N VAL A 388 0.58 25.62 -7.51
CA VAL A 388 0.65 24.76 -6.33
C VAL A 388 0.76 25.64 -5.10
N GLN A 389 -0.13 25.42 -4.13
CA GLN A 389 -0.19 26.21 -2.89
C GLN A 389 -0.29 25.31 -1.65
N PRO A 390 0.51 25.60 -0.60
CA PRO A 390 0.40 24.78 0.61
C PRO A 390 -0.91 25.05 1.34
N TYR A 391 -1.36 24.08 2.12
CA TYR A 391 -2.57 24.25 2.94
C TYR A 391 -2.51 23.36 4.18
N PRO A 392 -3.26 23.73 5.25
CA PRO A 392 -3.15 23.01 6.52
C PRO A 392 -3.88 21.67 6.56
N GLY A 393 -3.36 20.75 7.37
CA GLY A 393 -3.92 19.42 7.52
C GLY A 393 -4.47 19.13 8.91
N ALA A 394 -4.11 17.97 9.45
CA ALA A 394 -4.70 17.49 10.68
C ALA A 394 -4.08 18.11 11.93
N PHE A 395 -4.76 17.93 13.06
CA PHE A 395 -4.24 18.34 14.35
C PHE A 395 -3.59 17.15 15.04
N VAL A 396 -2.42 17.41 15.63
CA VAL A 396 -1.72 16.43 16.47
C VAL A 396 -1.42 17.06 17.84
N LYS A 397 -1.86 16.37 18.89
CA LYS A 397 -1.66 16.84 20.27
C LYS A 397 -0.26 16.45 20.74
N GLU A 398 0.42 17.38 21.41
CA GLU A 398 1.69 17.12 22.05
C GLU A 398 1.49 16.26 23.31
N PRO A 399 1.94 15.00 23.29
CA PRO A 399 1.76 14.23 24.53
C PRO A 399 2.84 14.54 25.57
N ILE A 400 2.50 14.39 26.85
CA ILE A 400 3.48 14.43 27.91
C ILE A 400 4.22 13.09 27.90
N PRO A 401 5.53 13.11 27.55
CA PRO A 401 6.29 11.86 27.54
C PRO A 401 6.20 11.18 28.91
N ASN A 402 5.78 9.92 28.90
CA ASN A 402 5.55 9.17 30.12
C ASN A 402 5.16 7.74 29.80
N ARG A 403 5.21 6.89 30.82
CA ARG A 403 4.48 5.63 30.79
C ARG A 403 3.00 5.91 31.01
N TYR A 404 2.15 5.07 30.45
CA TYR A 404 0.70 5.14 30.66
C TYR A 404 0.15 3.72 30.83
N LYS A 405 -0.37 3.45 32.02
CA LYS A 405 -0.71 2.09 32.44
C LYS A 405 -1.93 1.51 31.73
N TYR A 406 -3.08 2.20 31.89
CA TYR A 406 -4.34 1.77 31.32
C TYR A 406 -4.78 2.79 30.28
N VAL A 407 -4.96 2.34 29.04
CA VAL A 407 -5.30 3.25 27.95
C VAL A 407 -6.45 2.71 27.11
N MET A 408 -7.49 3.53 26.94
CA MET A 408 -8.54 3.27 25.95
C MET A 408 -8.47 4.30 24.83
N SER A 409 -8.39 3.82 23.60
CA SER A 409 -8.42 4.73 22.46
C SER A 409 -9.80 4.75 21.79
N PHE A 410 -10.14 5.89 21.21
CA PHE A 410 -11.35 6.04 20.43
C PHE A 410 -11.01 6.61 19.04
N ASP A 411 -11.79 6.20 18.05
CA ASP A 411 -11.47 6.52 16.67
C ASP A 411 -12.74 6.82 15.86
N LEU A 412 -12.66 7.82 14.99
CA LEU A 412 -13.75 8.17 14.08
C LEU A 412 -13.69 7.34 12.80
N THR A 413 -14.83 6.78 12.41
CA THR A 413 -14.98 5.99 11.21
C THR A 413 -14.82 6.87 9.97
N SER A 414 -13.97 6.43 9.03
CA SER A 414 -13.66 7.19 7.80
C SER A 414 -13.81 8.70 7.98
N LEU A 415 -12.94 9.29 8.78
CA LEU A 415 -13.10 10.71 9.14
C LEU A 415 -13.31 11.65 7.95
N TYR A 416 -12.32 11.75 7.06
CA TYR A 416 -12.41 12.76 6.00
C TYR A 416 -13.60 12.54 5.07
N PRO A 417 -13.85 11.28 4.64
CA PRO A 417 -15.03 11.05 3.80
C PRO A 417 -16.34 11.29 4.54
N SER A 418 -16.37 11.02 5.85
CA SER A 418 -17.54 11.32 6.68
C SER A 418 -17.78 12.82 6.83
N ILE A 419 -16.69 13.60 6.86
CA ILE A 419 -16.79 15.06 6.91
C ILE A 419 -17.39 15.57 5.58
N ILE A 420 -16.90 15.03 4.46
CA ILE A 420 -17.45 15.38 3.15
C ILE A 420 -18.97 15.16 3.11
N ARG A 421 -19.42 14.07 3.75
CA ARG A 421 -20.83 13.69 3.75
C ARG A 421 -21.63 14.52 4.75
N GLN A 422 -21.11 14.65 5.97
CA GLN A 422 -21.72 15.46 7.02
C GLN A 422 -21.89 16.93 6.60
N VAL A 423 -20.85 17.52 6.05
CA VAL A 423 -20.86 18.94 5.69
C VAL A 423 -21.49 19.20 4.32
N ASN A 424 -21.46 18.19 3.44
CA ASN A 424 -21.90 18.30 2.06
C ASN A 424 -20.94 19.14 1.20
N ILE A 425 -19.67 18.75 1.26
CA ILE A 425 -18.59 19.42 0.54
C ILE A 425 -18.46 18.83 -0.86
N SER A 426 -18.70 19.66 -1.86
CA SER A 426 -18.66 19.26 -3.26
C SER A 426 -18.40 20.54 -4.02
N PRO A 427 -17.93 20.45 -5.27
CA PRO A 427 -17.71 21.69 -6.01
C PRO A 427 -18.98 22.49 -6.24
N GLU A 428 -20.11 21.80 -6.46
CA GLU A 428 -21.36 22.48 -6.83
C GLU A 428 -22.30 22.79 -5.65
N THR A 429 -21.86 22.45 -4.44
CA THR A 429 -22.64 22.73 -3.23
C THR A 429 -22.17 23.98 -2.47
N ILE A 430 -21.14 24.65 -2.95
CA ILE A 430 -20.64 25.87 -2.32
C ILE A 430 -21.73 26.94 -2.32
N ALA A 431 -22.05 27.44 -1.13
CA ALA A 431 -23.12 28.43 -0.97
C ALA A 431 -22.60 29.83 -0.66
N GLY A 432 -21.42 29.91 -0.07
CA GLY A 432 -20.84 31.19 0.33
C GLY A 432 -19.85 31.04 1.46
N THR A 433 -19.64 32.13 2.20
CA THR A 433 -18.71 32.15 3.33
C THR A 433 -19.26 32.92 4.51
N PHE A 434 -18.71 32.65 5.69
CA PHE A 434 -19.02 33.43 6.87
C PHE A 434 -17.72 33.98 7.47
N LYS A 435 -17.85 34.92 8.39
CA LYS A 435 -16.73 35.53 9.06
C LYS A 435 -16.21 34.54 10.10
N VAL A 436 -14.99 34.03 9.87
CA VAL A 436 -14.39 33.05 10.76
C VAL A 436 -13.84 33.68 12.04
N ALA A 437 -14.13 33.01 13.15
CA ALA A 437 -13.51 33.31 14.43
C ALA A 437 -12.29 32.37 14.55
N PRO A 438 -11.35 32.68 15.47
CA PRO A 438 -10.24 31.77 15.72
C PRO A 438 -10.73 30.38 16.08
N LEU A 439 -10.01 29.36 15.61
CA LEU A 439 -10.45 27.96 15.72
C LEU A 439 -10.84 27.52 17.13
N HIS A 440 -10.04 27.91 18.13
CA HIS A 440 -10.32 27.51 19.51
CA HIS A 440 -10.31 27.53 19.52
C HIS A 440 -11.68 28.03 20.00
N ASP A 441 -12.16 29.11 19.38
CA ASP A 441 -13.48 29.65 19.70
C ASP A 441 -14.61 28.72 19.25
N TYR A 442 -14.41 28.04 18.13
CA TYR A 442 -15.33 27.00 17.70
C TYR A 442 -15.13 25.78 18.58
N ILE A 443 -13.87 25.41 18.83
CA ILE A 443 -13.57 24.27 19.70
C ILE A 443 -14.26 24.44 21.06
N ASN A 444 -14.21 25.64 21.61
CA ASN A 444 -14.75 25.89 22.96
C ASN A 444 -16.18 26.40 22.99
N ALA A 445 -16.83 26.40 21.83
CA ALA A 445 -18.25 26.74 21.69
C ALA A 445 -18.59 28.16 22.17
N VAL A 446 -17.67 29.11 21.96
CA VAL A 446 -17.92 30.51 22.31
C VAL A 446 -18.08 31.41 21.09
N ALA A 447 -17.64 30.92 19.94
CA ALA A 447 -17.87 31.64 18.69
C ALA A 447 -19.36 31.64 18.34
N GLU A 448 -19.79 32.68 17.62
CA GLU A 448 -21.18 32.75 17.18
C GLU A 448 -21.44 31.68 16.13
N ARG A 449 -22.69 31.25 16.05
CA ARG A 449 -23.10 30.22 15.11
C ARG A 449 -22.88 30.70 13.67
N PRO A 450 -22.14 29.91 12.88
CA PRO A 450 -21.79 30.29 11.50
C PRO A 450 -22.99 30.59 10.60
N SER A 451 -23.97 29.69 10.56
CA SER A 451 -25.15 29.86 9.70
C SER A 451 -26.41 29.24 10.25
N ASP A 452 -27.53 29.93 10.01
CA ASP A 452 -28.84 29.40 10.32
C ASP A 452 -29.52 28.78 9.09
N VAL A 453 -28.80 28.79 7.96
CA VAL A 453 -29.35 28.34 6.67
C VAL A 453 -28.54 27.20 6.07
N TYR A 454 -27.22 27.34 6.09
CA TYR A 454 -26.33 26.45 5.35
C TYR A 454 -25.48 25.60 6.28
N SER A 455 -24.85 24.57 5.72
CA SER A 455 -23.97 23.67 6.45
C SER A 455 -22.52 24.17 6.41
N CYS A 456 -21.87 24.25 7.56
CA CYS A 456 -20.58 24.93 7.63
C CYS A 456 -19.37 24.13 8.10
N SER A 457 -18.20 24.60 7.70
CA SER A 457 -16.93 24.18 8.28
C SER A 457 -16.24 25.41 8.85
N PRO A 458 -15.50 25.26 9.97
CA PRO A 458 -14.85 26.39 10.66
C PRO A 458 -13.75 27.10 9.85
N ASN A 459 -13.51 26.68 8.61
CA ASN A 459 -12.60 27.42 7.73
C ASN A 459 -13.32 28.60 7.08
N GLY A 460 -14.64 28.67 7.26
CA GLY A 460 -15.43 29.76 6.71
C GLY A 460 -16.36 29.39 5.57
N MET A 461 -16.39 28.12 5.19
CA MET A 461 -17.20 27.72 4.03
C MET A 461 -18.61 27.30 4.42
N MET A 462 -19.56 27.61 3.55
CA MET A 462 -20.95 27.21 3.74
C MET A 462 -21.39 26.38 2.55
N TYR A 463 -22.23 25.40 2.80
CA TYR A 463 -22.70 24.51 1.74
C TYR A 463 -24.22 24.35 1.75
N TYR A 464 -24.79 24.04 0.58
CA TYR A 464 -26.24 23.82 0.47
C TYR A 464 -26.65 22.62 1.31
N LYS A 465 -27.89 22.64 1.78
CA LYS A 465 -28.43 21.52 2.55
C LYS A 465 -29.61 20.84 1.86
N ASP A 466 -30.04 21.37 0.72
CA ASP A 466 -31.26 20.86 0.08
C ASP A 466 -31.06 19.52 -0.61
N ARG A 467 -29.85 19.32 -1.16
CA ARG A 467 -29.52 18.12 -1.94
C ARG A 467 -28.05 17.77 -1.77
N ASP A 468 -27.73 16.48 -1.92
CA ASP A 468 -26.36 15.99 -1.85
C ASP A 468 -25.56 16.34 -3.10
N GLY A 469 -24.34 16.80 -2.90
CA GLY A 469 -23.40 16.99 -4.00
C GLY A 469 -22.90 15.66 -4.55
N VAL A 470 -22.35 15.69 -5.76
CA VAL A 470 -21.84 14.50 -6.44
C VAL A 470 -20.61 13.90 -5.74
N VAL A 471 -19.81 14.74 -5.09
CA VAL A 471 -18.70 14.22 -4.30
C VAL A 471 -19.20 13.39 -3.10
N PRO A 472 -20.05 13.97 -2.23
CA PRO A 472 -20.64 13.14 -1.17
C PRO A 472 -21.38 11.89 -1.68
N THR A 473 -22.17 12.05 -2.74
CA THR A 473 -22.95 10.94 -3.27
C THR A 473 -22.04 9.76 -3.65
N GLU A 474 -20.99 10.08 -4.40
CA GLU A 474 -20.11 9.06 -4.95
C GLU A 474 -19.14 8.49 -3.93
N ILE A 475 -18.70 9.32 -2.99
CA ILE A 475 -17.78 8.87 -1.95
C ILE A 475 -18.50 7.89 -1.00
N THR A 476 -19.80 8.08 -0.82
CA THR A 476 -20.65 7.22 0.02
C THR A 476 -20.78 5.79 -0.50
N LYS A 477 -20.93 5.66 -1.82
CA LYS A 477 -21.07 4.35 -2.47
C LYS A 477 -19.86 3.47 -2.24
N VAL A 478 -18.68 4.03 -2.45
CA VAL A 478 -17.42 3.31 -2.25
C VAL A 478 -17.14 3.11 -0.76
N PHE A 479 -17.43 4.12 0.06
CA PHE A 479 -17.41 3.94 1.52
C PHE A 479 -18.24 2.74 1.99
N ASN A 480 -19.46 2.61 1.46
CA ASN A 480 -20.34 1.48 1.82
C ASN A 480 -19.76 0.12 1.42
N GLN A 481 -19.17 0.05 0.22
CA GLN A 481 -18.44 -1.14 -0.23
C GLN A 481 -17.30 -1.47 0.73
N ARG A 482 -16.55 -0.45 1.12
CA ARG A 482 -15.42 -0.63 2.03
C ARG A 482 -15.91 -1.30 3.31
N LYS A 483 -17.01 -0.79 3.87
CA LYS A 483 -17.56 -1.28 5.11
C LYS A 483 -17.92 -2.78 5.05
N GLU A 484 -18.51 -3.21 3.94
CA GLU A 484 -18.83 -4.62 3.75
C GLU A 484 -17.58 -5.50 3.90
N HIS A 485 -16.51 -5.13 3.18
CA HIS A 485 -15.28 -5.90 3.16
C HIS A 485 -14.53 -5.85 4.48
N LYS A 486 -14.61 -4.72 5.17
CA LYS A 486 -14.00 -4.61 6.49
C LYS A 486 -14.71 -5.54 7.48
N GLY A 487 -16.03 -5.65 7.35
CA GLY A 487 -16.82 -6.58 8.16
C GLY A 487 -16.32 -8.01 7.94
N TYR A 488 -16.13 -8.38 6.68
CA TYR A 488 -15.54 -9.68 6.36
C TYR A 488 -14.15 -9.84 6.98
N MET A 489 -13.33 -8.79 6.91
CA MET A 489 -11.96 -8.88 7.44
C MET A 489 -11.90 -9.05 8.95
N LEU A 490 -12.69 -8.27 9.67
CA LEU A 490 -12.70 -8.35 11.12
C LEU A 490 -13.22 -9.69 11.63
N ALA A 491 -14.29 -10.20 11.00
CA ALA A 491 -14.85 -11.51 11.35
C ALA A 491 -13.83 -12.63 11.13
N ALA A 492 -13.06 -12.55 10.04
CA ALA A 492 -12.00 -13.53 9.77
C ALA A 492 -10.89 -13.46 10.83
N GLN A 493 -10.69 -12.26 11.36
CA GLN A 493 -9.71 -12.01 12.38
C GLN A 493 -10.19 -12.60 13.71
N ARG A 494 -11.41 -12.27 14.09
CA ARG A 494 -12.03 -12.81 15.31
C ARG A 494 -12.06 -14.33 15.28
N ASN A 495 -12.36 -14.90 14.11
CA ASN A 495 -12.36 -16.35 13.90
C ASN A 495 -10.97 -16.95 14.06
N GLY A 496 -9.95 -16.18 13.67
CA GLY A 496 -8.57 -16.61 13.81
C GLY A 496 -8.18 -16.80 15.26
N GLU A 497 -8.64 -15.90 16.12
CA GLU A 497 -8.33 -15.96 17.55
C GLU A 497 -9.00 -17.15 18.24
N ILE A 498 -10.17 -17.55 17.72
CA ILE A 498 -10.88 -18.72 18.22
C ILE A 498 -10.09 -19.99 17.91
N ILE A 499 -9.49 -20.02 16.73
CA ILE A 499 -8.65 -21.14 16.32
C ILE A 499 -7.35 -21.18 17.14
N LYS A 500 -6.74 -20.01 17.35
CA LYS A 500 -5.56 -19.91 18.22
C LYS A 500 -5.83 -20.43 19.63
N GLU A 501 -6.97 -20.03 20.21
CA GLU A 501 -7.38 -20.50 21.54
C GLU A 501 -7.49 -22.02 21.59
N ALA A 502 -8.11 -22.60 20.56
CA ALA A 502 -8.28 -24.05 20.48
C ALA A 502 -6.96 -24.81 20.31
N LEU A 503 -5.96 -24.16 19.73
CA LEU A 503 -4.65 -24.77 19.51
C LEU A 503 -3.87 -25.06 20.80
N HIS A 504 -4.30 -24.45 21.91
CA HIS A 504 -3.67 -24.71 23.21
C HIS A 504 -4.10 -26.06 23.77
N ASN A 505 -5.23 -26.56 23.28
CA ASN A 505 -5.73 -27.89 23.63
C ASN A 505 -6.11 -28.72 22.41
N PRO A 506 -5.11 -29.09 21.57
CA PRO A 506 -5.42 -29.86 20.38
C PRO A 506 -5.77 -31.31 20.72
N ASN A 507 -6.68 -31.90 19.95
CA ASN A 507 -7.03 -33.29 20.13
C ASN A 507 -6.10 -34.19 19.34
N LEU A 508 -6.02 -35.46 19.72
CA LEU A 508 -5.09 -36.39 19.10
C LEU A 508 -5.84 -37.36 18.19
N SER A 509 -6.00 -36.96 16.94
CA SER A 509 -6.81 -37.70 15.97
C SER A 509 -6.43 -37.39 14.52
N VAL A 510 -7.03 -38.14 13.61
CA VAL A 510 -6.94 -37.86 12.17
C VAL A 510 -8.28 -37.34 11.71
N ASP A 511 -8.28 -36.10 11.20
CA ASP A 511 -9.50 -35.43 10.78
C ASP A 511 -9.21 -34.41 9.69
N GLU A 512 -10.26 -33.77 9.19
CA GLU A 512 -10.15 -32.72 8.18
C GLU A 512 -10.51 -31.36 8.77
N PRO A 513 -10.00 -30.27 8.18
CA PRO A 513 -10.47 -28.93 8.51
C PRO A 513 -11.94 -28.75 8.12
N LEU A 514 -12.66 -27.95 8.90
CA LEU A 514 -14.08 -27.69 8.65
C LEU A 514 -14.26 -26.80 7.42
N ASP A 515 -15.16 -27.20 6.53
CA ASP A 515 -15.49 -26.39 5.36
C ASP A 515 -16.40 -25.25 5.80
N VAL A 516 -15.79 -24.10 6.09
CA VAL A 516 -16.49 -22.94 6.63
C VAL A 516 -16.21 -21.66 5.83
N ASP A 517 -17.12 -20.69 5.94
CA ASP A 517 -16.89 -19.39 5.36
C ASP A 517 -16.29 -18.46 6.44
N TYR A 518 -14.99 -18.23 6.34
CA TYR A 518 -14.27 -17.44 7.34
C TYR A 518 -14.66 -15.96 7.42
N ARG A 519 -15.45 -15.49 6.46
CA ARG A 519 -15.94 -14.10 6.44
C ARG A 519 -17.06 -13.84 7.46
N PHE A 520 -17.58 -14.91 8.06
CA PHE A 520 -18.69 -14.79 9.00
C PHE A 520 -18.32 -15.42 10.34
N ASP A 521 -18.75 -14.79 11.42
CA ASP A 521 -18.45 -15.27 12.78
C ASP A 521 -18.87 -16.72 12.93
N PHE A 522 -17.98 -17.53 13.48
CA PHE A 522 -18.30 -18.95 13.64
C PHE A 522 -19.54 -19.12 14.53
N SER A 523 -20.41 -20.03 14.11
CA SER A 523 -21.54 -20.44 14.93
C SER A 523 -21.07 -21.24 16.14
N ASP A 524 -21.98 -21.53 17.06
CA ASP A 524 -21.67 -22.37 18.20
C ASP A 524 -21.34 -23.82 17.79
N GLU A 525 -22.04 -24.32 16.77
CA GLU A 525 -21.80 -25.66 16.23
C GLU A 525 -20.37 -25.79 15.69
N ILE A 526 -19.94 -24.76 14.96
CA ILE A 526 -18.58 -24.71 14.42
C ILE A 526 -17.55 -24.60 15.55
N LYS A 527 -17.84 -23.73 16.53
CA LYS A 527 -16.97 -23.55 17.68
C LYS A 527 -16.72 -24.85 18.46
N GLU A 528 -17.76 -25.64 18.67
CA GLU A 528 -17.64 -26.91 19.40
C GLU A 528 -16.81 -27.92 18.64
N LYS A 529 -17.02 -28.01 17.33
CA LYS A 529 -16.29 -28.93 16.46
C LYS A 529 -14.80 -28.60 16.44
N ILE A 530 -14.48 -27.31 16.43
CA ILE A 530 -13.09 -26.82 16.49
C ILE A 530 -12.36 -27.34 17.73
N LYS A 531 -13.07 -27.34 18.86
CA LYS A 531 -12.53 -27.82 20.15
C LYS A 531 -12.27 -29.33 20.16
N LYS A 532 -12.62 -30.02 19.08
CA LYS A 532 -12.41 -31.46 18.97
C LYS A 532 -11.45 -31.81 17.84
N LEU A 533 -10.74 -30.81 17.32
CA LEU A 533 -9.86 -31.00 16.16
C LEU A 533 -8.37 -31.09 16.49
N SER A 534 -7.66 -31.81 15.64
CA SER A 534 -6.20 -31.97 15.72
C SER A 534 -5.47 -30.67 15.44
N ALA A 535 -4.19 -30.62 15.81
CA ALA A 535 -3.35 -29.48 15.52
C ALA A 535 -3.18 -29.26 14.02
N LYS A 536 -3.06 -30.35 13.26
CA LYS A 536 -2.85 -30.27 11.82
C LYS A 536 -4.02 -29.57 11.13
N SER A 537 -5.24 -29.96 11.48
CA SER A 537 -6.46 -29.38 10.94
C SER A 537 -6.69 -27.95 11.43
N LEU A 538 -6.41 -27.70 12.70
CA LEU A 538 -6.59 -26.37 13.29
C LEU A 538 -5.63 -25.39 12.64
N ASN A 539 -4.38 -25.82 12.45
CA ASN A 539 -3.39 -24.99 11.77
C ASN A 539 -3.78 -24.65 10.34
N GLU A 540 -4.33 -25.64 9.63
CA GLU A 540 -4.74 -25.43 8.24
C GLU A 540 -5.93 -24.46 8.19
N MET A 541 -6.81 -24.57 9.18
CA MET A 541 -7.94 -23.66 9.33
C MET A 541 -7.47 -22.24 9.64
N LEU A 542 -6.43 -22.13 10.47
CA LEU A 542 -5.85 -20.85 10.85
C LEU A 542 -5.25 -20.19 9.62
N PHE A 543 -4.54 -20.99 8.83
CA PHE A 543 -3.95 -20.53 7.58
C PHE A 543 -5.02 -19.94 6.68
N ARG A 544 -6.17 -20.61 6.58
CA ARG A 544 -7.28 -20.18 5.74
C ARG A 544 -8.00 -18.97 6.32
N ALA A 545 -8.12 -18.95 7.64
CA ALA A 545 -8.69 -17.80 8.33
C ALA A 545 -7.85 -16.57 7.99
N GLN A 546 -6.53 -16.69 8.17
CA GLN A 546 -5.60 -15.60 7.93
C GLN A 546 -5.56 -15.14 6.47
N ARG A 547 -5.73 -16.09 5.53
CA ARG A 547 -5.87 -15.75 4.11
C ARG A 547 -7.17 -15.01 3.80
N THR A 548 -8.29 -15.45 4.37
CA THR A 548 -9.56 -14.74 4.24
C THR A 548 -9.41 -13.31 4.76
N GLU A 549 -8.77 -13.18 5.92
CA GLU A 549 -8.47 -11.88 6.50
C GLU A 549 -7.65 -10.98 5.56
N VAL A 550 -6.57 -11.51 4.99
CA VAL A 550 -5.74 -10.71 4.07
C VAL A 550 -6.54 -10.24 2.86
N ALA A 551 -7.41 -11.11 2.34
CA ALA A 551 -8.27 -10.78 1.21
C ALA A 551 -9.20 -9.60 1.56
N GLY A 552 -9.80 -9.67 2.75
CA GLY A 552 -10.65 -8.60 3.25
C GLY A 552 -9.87 -7.31 3.47
N MET A 553 -8.65 -7.45 3.99
CA MET A 553 -7.74 -6.32 4.17
C MET A 553 -7.44 -5.64 2.84
N THR A 554 -7.12 -6.40 1.79
CA THR A 554 -6.84 -5.78 0.50
C THR A 554 -8.05 -4.99 0.02
N ALA A 555 -9.21 -5.65 0.01
CA ALA A 555 -10.44 -5.04 -0.48
C ALA A 555 -10.89 -3.82 0.31
N GLN A 556 -10.73 -3.86 1.63
CA GLN A 556 -11.20 -2.76 2.46
C GLN A 556 -10.22 -1.59 2.56
N ILE A 557 -8.93 -1.88 2.76
CA ILE A 557 -7.97 -0.80 2.96
C ILE A 557 -7.72 0.04 1.70
N ASN A 558 -7.79 -0.61 0.55
CA ASN A 558 -7.56 0.10 -0.72
C ASN A 558 -8.80 0.85 -1.18
N ARG A 559 -9.96 0.45 -0.68
CA ARG A 559 -11.16 1.25 -0.91
C ARG A 559 -11.11 2.49 -0.05
N LYS A 560 -10.60 2.34 1.18
CA LYS A 560 -10.31 3.45 2.08
C LYS A 560 -9.27 4.40 1.48
N LEU A 561 -8.21 3.83 0.89
CA LEU A 561 -7.20 4.64 0.22
C LEU A 561 -7.83 5.49 -0.89
N LEU A 562 -8.68 4.87 -1.70
CA LEU A 562 -9.37 5.56 -2.77
C LEU A 562 -10.21 6.74 -2.31
N ILE A 563 -11.02 6.55 -1.26
CA ILE A 563 -11.91 7.62 -0.79
C ILE A 563 -11.13 8.73 -0.07
N ASN A 564 -10.07 8.35 0.63
CA ASN A 564 -9.18 9.32 1.23
C ASN A 564 -8.36 10.07 0.18
N SER A 565 -8.10 9.43 -0.95
CA SER A 565 -7.42 10.08 -2.07
C SER A 565 -8.30 11.13 -2.77
N LEU A 566 -9.62 10.96 -2.72
CA LEU A 566 -10.56 11.94 -3.25
C LEU A 566 -10.42 13.26 -2.48
N ALA A 567 -10.47 13.17 -1.15
CA ALA A 567 -10.23 14.31 -0.26
C ALA A 567 -8.87 14.95 -0.55
N GLY A 568 -7.85 14.12 -0.74
CA GLY A 568 -6.52 14.60 -1.11
C GLY A 568 -6.49 15.27 -2.48
N ALA A 569 -7.14 14.66 -3.46
CA ALA A 569 -7.15 15.15 -4.83
C ALA A 569 -7.69 16.57 -4.91
N LEU A 570 -8.63 16.90 -4.02
CA LEU A 570 -9.16 18.25 -3.88
C LEU A 570 -8.06 19.28 -3.62
N GLY A 571 -6.93 18.80 -3.09
CA GLY A 571 -5.73 19.63 -2.92
C GLY A 571 -4.60 19.40 -3.93
N ASN A 572 -4.91 18.75 -5.07
CA ASN A 572 -3.96 18.60 -6.17
C ASN A 572 -4.40 19.33 -7.44
N VAL A 573 -3.52 20.19 -7.97
CA VAL A 573 -3.83 21.12 -9.07
C VAL A 573 -4.31 20.45 -10.36
N TRP A 574 -3.92 19.19 -10.56
CA TRP A 574 -4.34 18.42 -11.74
C TRP A 574 -5.74 17.80 -11.66
N PHE A 575 -6.35 17.83 -10.47
CA PHE A 575 -7.72 17.35 -10.31
C PHE A 575 -8.72 18.36 -10.88
N ARG A 576 -9.60 17.88 -11.74
CA ARG A 576 -10.65 18.72 -12.35
C ARG A 576 -11.40 19.55 -11.29
N TYR A 577 -11.60 18.95 -10.13
CA TYR A 577 -12.37 19.57 -9.05
C TYR A 577 -11.50 20.10 -7.91
N TYR A 578 -10.23 20.33 -8.21
CA TYR A 578 -9.32 21.02 -7.31
C TYR A 578 -9.94 22.30 -6.78
N ASP A 579 -9.99 22.41 -5.46
CA ASP A 579 -10.42 23.62 -4.80
C ASP A 579 -9.93 23.59 -3.35
N LEU A 580 -9.07 24.56 -3.00
CA LEU A 580 -8.46 24.63 -1.68
C LEU A 580 -9.44 25.02 -0.56
N ARG A 581 -10.50 25.73 -0.93
CA ARG A 581 -11.61 26.01 0.00
C ARG A 581 -12.23 24.70 0.49
N ASN A 582 -12.45 23.76 -0.44
CA ASN A 582 -12.99 22.43 -0.09
C ASN A 582 -12.02 21.53 0.68
N ALA A 583 -10.76 21.46 0.24
CA ALA A 583 -9.75 20.66 0.95
C ALA A 583 -9.57 21.15 2.39
N THR A 584 -9.44 22.48 2.54
CA THR A 584 -9.26 23.10 3.84
C THR A 584 -10.51 23.01 4.70
N ALA A 585 -11.69 23.07 4.07
CA ALA A 585 -12.93 22.88 4.79
C ALA A 585 -12.96 21.50 5.48
N ILE A 586 -12.50 20.47 4.78
CA ILE A 586 -12.36 19.13 5.35
C ILE A 586 -11.37 19.09 6.52
N THR A 587 -10.16 19.60 6.29
CA THR A 587 -9.08 19.44 7.27
C THR A 587 -9.26 20.33 8.51
N THR A 588 -9.81 21.52 8.32
CA THR A 588 -10.10 22.41 9.43
C THR A 588 -11.21 21.82 10.31
N PHE A 589 -12.29 21.34 9.67
CA PHE A 589 -13.38 20.63 10.38
C PHE A 589 -12.78 19.53 11.26
N GLY A 590 -11.90 18.74 10.66
CA GLY A 590 -11.23 17.64 11.37
C GLY A 590 -10.50 18.11 12.62
N GLN A 591 -9.79 19.23 12.50
CA GLN A 591 -9.03 19.79 13.62
C GLN A 591 -9.97 20.21 14.73
N MET A 592 -11.12 20.76 14.33
CA MET A 592 -12.15 21.20 15.26
C MET A 592 -12.78 20.00 15.96
N ALA A 593 -13.12 18.98 15.17
CA ALA A 593 -13.87 17.82 15.66
C ALA A 593 -13.07 17.06 16.71
N LEU A 594 -11.78 16.90 16.46
CA LEU A 594 -10.88 16.20 17.37
C LEU A 594 -10.72 16.94 18.70
N GLN A 595 -10.50 18.25 18.62
CA GLN A 595 -10.28 19.07 19.80
C GLN A 595 -11.57 19.33 20.56
N TRP A 596 -12.68 19.46 19.83
CA TRP A 596 -14.02 19.53 20.42
C TRP A 596 -14.31 18.33 21.33
N ILE A 597 -14.09 17.13 20.80
CA ILE A 597 -14.41 15.91 21.54
C ILE A 597 -13.41 15.62 22.67
N GLU A 598 -12.20 16.15 22.55
CA GLU A 598 -11.20 16.10 23.62
C GLU A 598 -11.77 16.86 24.80
N ARG A 599 -12.25 18.08 24.53
CA ARG A 599 -12.89 18.92 25.55
C ARG A 599 -14.10 18.22 26.19
N LYS A 600 -14.94 17.59 25.36
CA LYS A 600 -16.13 16.89 25.86
C LYS A 600 -15.79 15.67 26.69
N VAL A 601 -14.85 14.85 26.21
CA VAL A 601 -14.44 13.63 26.91
C VAL A 601 -13.85 13.97 28.26
N ASN A 602 -12.96 14.97 28.29
CA ASN A 602 -12.42 15.46 29.55
C ASN A 602 -13.51 15.93 30.50
N GLU A 603 -14.41 16.78 30.01
CA GLU A 603 -15.52 17.29 30.81
C GLU A 603 -16.37 16.15 31.38
N TYR A 604 -16.63 15.13 30.57
CA TYR A 604 -17.40 13.98 30.99
C TYR A 604 -16.73 13.19 32.12
N LEU A 605 -15.47 12.82 31.93
CA LEU A 605 -14.76 12.00 32.90
C LEU A 605 -14.44 12.73 34.20
N ASN A 606 -14.10 14.01 34.10
CA ASN A 606 -13.93 14.87 35.27
C ASN A 606 -15.18 14.87 36.15
N GLU A 607 -16.35 14.96 35.49
CA GLU A 607 -17.65 14.90 36.19
C GLU A 607 -17.86 13.53 36.83
N VAL A 608 -17.58 12.48 36.07
CA VAL A 608 -17.71 11.09 36.54
C VAL A 608 -16.80 10.78 37.74
N CYS A 609 -15.61 11.37 37.74
CA CYS A 609 -14.63 11.15 38.81
C CYS A 609 -14.69 12.19 39.95
N GLY A 610 -15.56 13.19 39.78
CA GLY A 610 -15.70 14.26 40.76
C GLY A 610 -14.49 15.18 40.89
N THR A 611 -13.84 15.47 39.76
CA THR A 611 -12.66 16.34 39.74
C THR A 611 -12.87 17.59 38.88
N GLU A 612 -11.79 18.34 38.65
CA GLU A 612 -11.80 19.55 37.81
C GLU A 612 -10.41 19.83 37.20
N GLY A 613 -10.37 19.98 35.88
CA GLY A 613 -9.14 20.33 35.18
C GLY A 613 -8.22 19.17 34.81
N GLU A 614 -8.54 17.97 35.29
CA GLU A 614 -7.78 16.77 34.97
C GLU A 614 -7.81 16.47 33.48
N ALA A 615 -6.64 16.20 32.91
CA ALA A 615 -6.53 15.83 31.50
C ALA A 615 -6.58 14.32 31.38
N PHE A 616 -7.72 13.79 30.98
CA PHE A 616 -7.88 12.35 30.77
C PHE A 616 -7.38 11.95 29.40
N VAL A 617 -7.58 12.84 28.42
CA VAL A 617 -7.09 12.61 27.07
C VAL A 617 -5.62 13.00 27.03
N LEU A 618 -4.76 12.00 26.77
CA LEU A 618 -3.31 12.19 26.85
C LEU A 618 -2.74 12.52 25.48
N TYR A 619 -3.42 12.07 24.44
CA TYR A 619 -2.92 12.21 23.10
C TYR A 619 -4.06 12.15 22.12
N GLY A 620 -3.80 12.71 20.94
CA GLY A 620 -4.71 12.68 19.83
C GLY A 620 -3.97 12.99 18.54
N ASP A 621 -4.36 12.30 17.48
CA ASP A 621 -3.79 12.52 16.17
C ASP A 621 -4.88 12.39 15.10
N THR A 622 -5.20 13.51 14.44
CA THR A 622 -6.18 13.56 13.33
C THR A 622 -7.63 13.30 13.75
N ASP A 623 -7.92 12.06 14.16
CA ASP A 623 -9.28 11.56 14.33
C ASP A 623 -9.43 10.60 15.49
N SER A 624 -8.37 10.43 16.27
CA SER A 624 -8.38 9.48 17.37
C SER A 624 -7.91 10.15 18.65
N ILE A 625 -8.51 9.78 19.77
CA ILE A 625 -8.08 10.23 21.08
C ILE A 625 -7.62 9.05 21.95
N TYR A 626 -6.69 9.32 22.87
CA TYR A 626 -6.20 8.29 23.78
C TYR A 626 -6.48 8.71 25.21
N VAL A 627 -7.25 7.87 25.91
CA VAL A 627 -7.76 8.18 27.23
C VAL A 627 -7.10 7.34 28.31
N SER A 628 -6.58 8.01 29.32
CA SER A 628 -6.07 7.36 30.53
C SER A 628 -7.22 6.76 31.31
N ALA A 629 -7.11 5.48 31.63
CA ALA A 629 -8.18 4.72 32.28
C ALA A 629 -7.77 4.29 33.69
N ASP A 630 -6.58 4.74 34.10
CA ASP A 630 -6.06 4.49 35.44
C ASP A 630 -7.12 4.71 36.51
N LYS A 631 -7.69 5.92 36.54
CA LYS A 631 -8.66 6.29 37.55
C LYS A 631 -9.92 5.40 37.51
N ILE A 632 -10.30 4.97 36.31
CA ILE A 632 -11.48 4.12 36.14
C ILE A 632 -11.23 2.75 36.76
N ILE A 633 -10.10 2.15 36.42
CA ILE A 633 -9.66 0.91 37.04
C ILE A 633 -9.55 1.05 38.56
N ASP A 634 -8.98 2.17 39.02
CA ASP A 634 -8.73 2.39 40.45
C ASP A 634 -10.00 2.56 41.26
N LYS A 635 -11.04 3.12 40.66
CA LYS A 635 -12.32 3.35 41.34
C LYS A 635 -12.99 2.06 41.82
N VAL A 636 -12.69 0.94 41.15
CA VAL A 636 -13.19 -0.35 41.60
C VAL A 636 -12.09 -1.09 42.37
N GLY A 637 -10.83 -0.80 42.03
CA GLY A 637 -9.69 -1.41 42.67
C GLY A 637 -9.25 -2.65 41.92
N GLU A 638 -7.95 -2.79 41.70
CA GLU A 638 -7.40 -3.92 40.96
C GLU A 638 -7.73 -5.27 41.60
N SER A 639 -7.67 -5.31 42.93
CA SER A 639 -7.90 -6.52 43.73
C SER A 639 -9.26 -7.17 43.50
N LYS A 640 -10.19 -6.44 42.89
CA LYS A 640 -11.53 -6.95 42.64
C LYS A 640 -11.63 -7.75 41.34
N PHE A 641 -10.57 -7.71 40.52
CA PHE A 641 -10.55 -8.43 39.24
C PHE A 641 -9.96 -9.83 39.35
N ARG A 642 -10.61 -10.77 38.68
CA ARG A 642 -10.19 -12.16 38.70
C ARG A 642 -8.92 -12.37 37.87
N ASP A 643 -8.91 -11.78 36.68
CA ASP A 643 -7.79 -11.86 35.75
C ASP A 643 -7.81 -10.67 34.77
N THR A 644 -6.84 -10.65 33.85
CA THR A 644 -6.74 -9.57 32.86
C THR A 644 -8.06 -9.43 32.10
N ASN A 645 -8.54 -10.55 31.54
CA ASN A 645 -9.76 -10.55 30.74
C ASN A 645 -10.94 -9.88 31.44
N HIS A 646 -10.96 -9.94 32.76
CA HIS A 646 -12.00 -9.32 33.59
C HIS A 646 -11.98 -7.78 33.52
N TRP A 647 -10.84 -7.16 33.82
CA TRP A 647 -10.75 -5.70 33.65
C TRP A 647 -10.90 -5.24 32.19
N VAL A 648 -10.46 -6.08 31.25
CA VAL A 648 -10.66 -5.79 29.83
C VAL A 648 -12.15 -5.77 29.46
N ASP A 649 -12.93 -6.71 29.99
CA ASP A 649 -14.40 -6.69 29.86
C ASP A 649 -14.97 -5.48 30.56
N PHE A 650 -14.42 -5.17 31.74
CA PHE A 650 -14.87 -4.02 32.48
C PHE A 650 -14.74 -2.73 31.66
N LEU A 651 -13.57 -2.53 31.05
CA LEU A 651 -13.32 -1.32 30.25
C LEU A 651 -14.12 -1.32 28.93
N ASP A 652 -14.20 -2.48 28.29
CA ASP A 652 -15.03 -2.67 27.10
C ASP A 652 -16.48 -2.20 27.34
N LYS A 653 -17.03 -2.59 28.50
CA LYS A 653 -18.39 -2.21 28.90
C LYS A 653 -18.48 -0.73 29.28
N PHE A 654 -17.49 -0.21 30.00
CA PHE A 654 -17.47 1.21 30.31
C PHE A 654 -17.38 2.08 29.03
N ALA A 655 -16.52 1.68 28.10
CA ALA A 655 -16.36 2.43 26.86
C ALA A 655 -17.63 2.42 26.00
N ARG A 656 -18.31 1.28 25.95
CA ARG A 656 -19.48 1.10 25.09
C ARG A 656 -20.78 1.60 25.72
N GLU A 657 -20.91 1.51 27.04
CA GLU A 657 -22.17 1.87 27.68
C GLU A 657 -22.18 3.28 28.29
N ARG A 658 -21.00 3.83 28.56
CA ARG A 658 -20.89 5.13 29.22
C ARG A 658 -20.20 6.21 28.38
N MET A 659 -19.09 5.86 27.75
CA MET A 659 -18.30 6.85 27.04
C MET A 659 -18.83 7.18 25.63
N GLU A 660 -19.16 6.14 24.88
CA GLU A 660 -19.66 6.32 23.53
C GLU A 660 -20.98 7.11 23.46
N PRO A 661 -21.93 6.86 24.39
CA PRO A 661 -23.13 7.71 24.37
C PRO A 661 -22.83 9.18 24.66
N ALA A 662 -21.88 9.44 25.56
CA ALA A 662 -21.47 10.82 25.85
C ALA A 662 -20.74 11.44 24.65
N ILE A 663 -19.91 10.64 23.99
CA ILE A 663 -19.16 11.07 22.81
C ILE A 663 -20.13 11.39 21.67
N ASP A 664 -21.12 10.53 21.47
CA ASP A 664 -22.20 10.77 20.50
C ASP A 664 -22.92 12.10 20.77
N ARG A 665 -23.30 12.34 22.03
CA ARG A 665 -23.99 13.58 22.40
C ARG A 665 -23.15 14.81 22.07
N GLY A 666 -21.87 14.75 22.44
CA GLY A 666 -20.92 15.81 22.11
C GLY A 666 -20.81 16.10 20.62
N PHE A 667 -20.84 15.07 19.79
CA PHE A 667 -20.73 15.29 18.34
C PHE A 667 -22.06 15.73 17.73
N ARG A 668 -23.18 15.22 18.26
CA ARG A 668 -24.50 15.65 17.81
CA ARG A 668 -24.53 15.65 17.87
C ARG A 668 -24.65 17.16 18.02
N GLU A 669 -24.14 17.66 19.15
CA GLU A 669 -24.15 19.10 19.44
C GLU A 669 -23.28 19.88 18.46
N MET A 670 -22.12 19.32 18.11
CA MET A 670 -21.20 19.96 17.17
C MET A 670 -21.85 20.08 15.78
N CYS A 671 -22.57 19.04 15.38
CA CYS A 671 -23.28 19.03 14.09
C CYS A 671 -24.32 20.15 14.01
N GLU A 672 -25.06 20.36 15.09
CA GLU A 672 -26.06 21.43 15.15
C GLU A 672 -25.40 22.80 15.15
N TYR A 673 -24.31 22.91 15.91
CA TYR A 673 -23.52 24.13 15.98
C TYR A 673 -23.06 24.54 14.58
N MET A 674 -22.49 23.59 13.84
CA MET A 674 -22.07 23.84 12.46
C MET A 674 -23.23 23.79 11.46
N ASN A 675 -24.42 23.43 11.95
CA ASN A 675 -25.63 23.31 11.09
C ASN A 675 -25.44 22.31 9.94
N ASN A 676 -24.77 21.20 10.18
CA ASN A 676 -24.44 20.27 9.11
C ASN A 676 -25.64 19.51 8.57
N LYS A 677 -25.47 18.90 7.40
CA LYS A 677 -26.57 18.26 6.70
C LYS A 677 -26.98 16.95 7.38
N GLN A 678 -25.99 16.22 7.88
CA GLN A 678 -26.20 14.89 8.46
C GLN A 678 -25.13 14.65 9.52
N HIS A 679 -25.53 14.09 10.67
CA HIS A 679 -24.56 13.72 11.70
C HIS A 679 -23.86 12.41 11.35
N LEU A 680 -22.56 12.50 11.10
CA LEU A 680 -21.80 11.32 10.69
C LEU A 680 -20.46 11.20 11.42
N MET A 681 -20.29 11.97 12.50
CA MET A 681 -19.13 11.82 13.35
C MET A 681 -19.33 10.65 14.32
N PHE A 682 -18.94 9.45 13.89
CA PHE A 682 -19.11 8.25 14.71
C PHE A 682 -17.78 7.80 15.33
N MET A 683 -17.61 8.11 16.61
CA MET A 683 -16.39 7.72 17.31
C MET A 683 -16.61 6.52 18.24
N ASP A 684 -16.07 5.38 17.82
CA ASP A 684 -16.17 4.14 18.58
C ASP A 684 -14.85 3.87 19.31
N ARG A 685 -14.92 3.05 20.34
CA ARG A 685 -13.73 2.55 21.02
C ARG A 685 -12.92 1.70 20.05
N GLU A 686 -11.61 1.90 20.07
CA GLU A 686 -10.70 1.13 19.21
C GLU A 686 -9.89 0.14 20.05
N ALA A 687 -8.99 0.64 20.88
CA ALA A 687 -8.08 -0.22 21.65
C ALA A 687 -8.27 -0.16 23.17
N ILE A 688 -8.13 -1.32 23.83
CA ILE A 688 -8.00 -1.35 25.27
C ILE A 688 -6.62 -1.89 25.61
N ALA A 689 -5.84 -1.08 26.34
CA ALA A 689 -4.45 -1.41 26.60
C ALA A 689 -4.12 -1.36 28.08
N GLY A 690 -3.19 -2.21 28.49
CA GLY A 690 -2.73 -2.26 29.87
C GLY A 690 -1.78 -3.42 30.12
N PRO A 691 -1.21 -3.49 31.33
CA PRO A 691 -0.29 -4.57 31.67
C PRO A 691 -1.03 -5.84 32.06
N PRO A 692 -0.39 -7.01 31.88
CA PRO A 692 -1.02 -8.22 32.42
C PRO A 692 -1.28 -8.04 33.91
N LEU A 693 -2.50 -8.38 34.37
CA LEU A 693 -2.85 -8.25 35.79
C LEU A 693 -1.87 -9.05 36.65
N GLY A 694 -1.37 -8.42 37.71
CA GLY A 694 -0.41 -9.03 38.62
C GLY A 694 1.02 -8.93 38.18
N SER A 695 1.28 -8.20 37.09
CA SER A 695 2.64 -8.05 36.56
C SER A 695 3.23 -6.69 36.90
N LYS A 696 4.49 -6.48 36.51
CA LYS A 696 5.16 -5.20 36.70
C LYS A 696 5.36 -4.44 35.38
N GLY A 697 4.73 -4.92 34.31
CA GLY A 697 4.74 -4.21 33.02
C GLY A 697 4.10 -2.83 33.12
N ILE A 698 4.58 -1.89 32.30
CA ILE A 698 4.11 -0.51 32.37
C ILE A 698 2.87 -0.24 31.51
N GLY A 699 2.54 -1.18 30.62
CA GLY A 699 1.32 -1.10 29.80
C GLY A 699 1.51 -0.33 28.51
N GLY A 700 2.06 0.87 28.61
CA GLY A 700 2.37 1.67 27.44
C GLY A 700 3.24 2.87 27.75
N PHE A 701 3.65 3.57 26.69
CA PHE A 701 4.36 4.84 26.81
C PHE A 701 4.32 5.63 25.51
N TRP A 702 4.46 6.94 25.66
CA TRP A 702 4.66 7.86 24.55
C TRP A 702 6.00 8.51 24.74
N THR A 703 6.74 8.76 23.65
CA THR A 703 7.96 9.59 23.73
C THR A 703 7.72 10.99 23.12
N GLY A 704 6.66 11.12 22.34
CA GLY A 704 6.37 12.38 21.65
C GLY A 704 5.27 12.16 20.63
N LYS A 705 5.04 13.17 19.80
CA LYS A 705 4.05 13.03 18.73
C LYS A 705 4.41 11.86 17.86
N LYS A 706 3.41 11.04 17.55
CA LYS A 706 3.55 9.98 16.54
C LYS A 706 4.53 8.86 16.92
N ARG A 707 4.83 8.76 18.21
CA ARG A 707 5.79 7.80 18.72
C ARG A 707 5.30 7.18 20.03
N TYR A 708 4.76 5.95 19.94
CA TYR A 708 4.17 5.30 21.11
C TYR A 708 4.02 3.80 20.97
N ALA A 709 3.90 3.13 22.12
CA ALA A 709 3.75 1.69 22.23
C ALA A 709 2.68 1.35 23.26
N LEU A 710 1.86 0.34 22.94
CA LEU A 710 0.78 -0.07 23.82
C LEU A 710 0.65 -1.59 23.85
N ASN A 711 0.35 -2.13 25.02
CA ASN A 711 0.03 -3.55 25.15
C ASN A 711 -1.48 -3.76 25.03
N VAL A 712 -1.92 -4.22 23.86
CA VAL A 712 -3.34 -4.25 23.52
C VAL A 712 -3.94 -5.64 23.72
N TRP A 713 -5.11 -5.67 24.36
CA TRP A 713 -5.86 -6.90 24.64
C TRP A 713 -7.06 -7.05 23.72
N ASP A 714 -7.57 -5.91 23.26
CA ASP A 714 -8.74 -5.89 22.43
C ASP A 714 -8.68 -4.70 21.49
N MET A 715 -8.87 -5.00 20.20
CA MET A 715 -8.79 -4.03 19.12
C MET A 715 -10.04 -4.14 18.24
N GLU A 716 -10.85 -3.07 18.28
CA GLU A 716 -12.15 -2.98 17.58
C GLU A 716 -13.00 -4.26 17.53
N GLY A 717 -13.09 -4.92 18.68
CA GLY A 717 -13.97 -6.08 18.82
C GLY A 717 -13.25 -7.40 18.85
N THR A 718 -11.97 -7.39 18.46
CA THR A 718 -11.18 -8.60 18.45
C THR A 718 -10.49 -8.78 19.78
N ARG A 719 -10.87 -9.83 20.51
CA ARG A 719 -10.21 -10.16 21.77
C ARG A 719 -9.08 -11.14 21.47
N TYR A 720 -7.84 -10.71 21.69
CA TYR A 720 -6.69 -11.52 21.33
C TYR A 720 -6.49 -12.67 22.31
N ALA A 721 -6.03 -13.82 21.80
CA ALA A 721 -5.64 -14.93 22.66
C ALA A 721 -4.36 -14.54 23.40
N GLU A 722 -3.48 -13.85 22.69
CA GLU A 722 -2.24 -13.32 23.27
C GLU A 722 -2.21 -11.80 23.07
N PRO A 723 -1.77 -11.06 24.10
CA PRO A 723 -1.70 -9.60 23.96
C PRO A 723 -0.87 -9.20 22.74
N LYS A 724 -1.25 -8.10 22.09
CA LYS A 724 -0.57 -7.68 20.87
C LYS A 724 0.04 -6.31 21.05
N LEU A 725 1.29 -6.15 20.62
CA LEU A 725 1.95 -4.86 20.70
C LEU A 725 1.50 -3.92 19.57
N LYS A 726 0.90 -2.80 19.95
CA LYS A 726 0.64 -1.74 19.00
C LYS A 726 1.75 -0.71 19.14
N ILE A 727 2.66 -0.68 18.16
CA ILE A 727 3.77 0.26 18.17
C ILE A 727 3.68 1.17 16.97
N MET A 728 3.65 2.48 17.21
CA MET A 728 3.62 3.43 16.12
C MET A 728 4.84 4.34 16.13
N GLY A 729 5.48 4.49 14.97
CA GLY A 729 6.50 5.52 14.79
C GLY A 729 7.88 5.19 15.28
N LEU A 730 7.97 4.33 16.30
CA LEU A 730 9.25 3.95 16.88
C LEU A 730 10.05 3.08 15.93
N GLU A 731 11.33 2.95 16.26
CA GLU A 731 12.31 2.40 15.36
C GLU A 731 12.02 0.96 14.90
N THR A 732 11.19 0.25 15.64
CA THR A 732 10.78 -1.10 15.29
C THR A 732 9.89 -1.12 14.06
N GLN A 733 9.31 0.03 13.71
CA GLN A 733 8.36 0.11 12.60
C GLN A 733 8.96 0.65 11.32
N LYS A 734 10.22 1.08 11.39
CA LYS A 734 10.91 1.73 10.28
C LYS A 734 11.69 0.71 9.45
N SER A 735 11.56 0.80 8.13
CA SER A 735 12.27 -0.10 7.23
C SER A 735 13.78 0.18 7.21
N SER A 736 14.15 1.38 7.65
CA SER A 736 15.55 1.80 7.76
C SER A 736 16.31 1.16 8.93
N THR A 737 15.58 0.67 9.92
CA THR A 737 16.21 0.05 11.09
C THR A 737 16.59 -1.38 10.77
N PRO A 738 17.82 -1.80 11.14
CA PRO A 738 18.28 -3.17 10.90
C PRO A 738 17.29 -4.19 11.39
N LYS A 739 17.17 -5.31 10.68
CA LYS A 739 16.21 -6.36 11.04
C LYS A 739 16.40 -6.87 12.46
N ALA A 740 17.64 -7.19 12.83
CA ALA A 740 17.94 -7.71 14.15
C ALA A 740 17.65 -6.68 15.25
N VAL A 741 17.88 -5.41 14.93
CA VAL A 741 17.60 -4.31 15.84
C VAL A 741 16.09 -4.09 16.05
N GLN A 742 15.30 -4.19 14.97
CA GLN A 742 13.85 -4.09 15.09
C GLN A 742 13.36 -5.18 16.04
N LYS A 743 13.90 -6.38 15.85
CA LYS A 743 13.51 -7.55 16.65
C LYS A 743 13.87 -7.34 18.12
N ALA A 744 15.11 -6.93 18.37
CA ALA A 744 15.59 -6.71 19.74
C ALA A 744 14.90 -5.54 20.44
N LEU A 745 14.74 -4.41 19.76
CA LEU A 745 13.98 -3.28 20.31
C LEU A 745 12.55 -3.68 20.65
N LYS A 746 11.91 -4.42 19.75
CA LYS A 746 10.58 -4.99 19.98
C LYS A 746 10.48 -5.84 21.25
N GLU A 747 11.48 -6.69 21.48
CA GLU A 747 11.48 -7.53 22.67
C GLU A 747 11.66 -6.68 23.94
N CYS A 748 12.51 -5.66 23.85
CA CYS A 748 12.68 -4.70 24.93
C CYS A 748 11.36 -4.02 25.29
N ILE A 749 10.65 -3.54 24.28
CA ILE A 749 9.33 -2.94 24.45
C ILE A 749 8.33 -3.96 25.03
N ARG A 750 8.30 -5.17 24.47
CA ARG A 750 7.47 -6.24 25.01
C ARG A 750 7.74 -6.40 26.50
N ARG A 751 9.02 -6.50 26.85
CA ARG A 751 9.41 -6.67 28.25
C ARG A 751 9.04 -5.49 29.15
N MET A 752 9.19 -4.28 28.64
CA MET A 752 8.79 -3.06 29.38
C MET A 752 7.30 -3.04 29.68
N LEU A 753 6.49 -3.30 28.65
CA LEU A 753 5.05 -3.18 28.77
C LEU A 753 4.39 -4.35 29.49
N GLN A 754 4.98 -5.53 29.39
CA GLN A 754 4.36 -6.76 29.91
C GLN A 754 4.99 -7.28 31.20
N GLU A 755 6.28 -6.99 31.40
CA GLU A 755 7.02 -7.64 32.48
C GLU A 755 7.71 -6.67 33.44
N GLY A 756 8.22 -5.56 32.93
CA GLY A 756 8.71 -4.51 33.81
C GLY A 756 10.18 -4.19 33.62
N GLU A 757 10.71 -3.38 34.52
CA GLU A 757 12.09 -2.90 34.45
C GLU A 757 13.14 -4.01 34.55
N GLU A 758 12.97 -4.94 35.49
CA GLU A 758 13.99 -5.96 35.74
C GLU A 758 14.16 -6.92 34.56
N SER A 759 13.05 -7.28 33.93
CA SER A 759 13.09 -8.17 32.77
C SER A 759 13.76 -7.51 31.58
N LEU A 760 13.53 -6.20 31.45
CA LEU A 760 14.12 -5.39 30.40
C LEU A 760 15.65 -5.36 30.52
N GLN A 761 16.16 -5.14 31.73
CA GLN A 761 17.59 -5.10 31.99
C GLN A 761 18.28 -6.45 31.74
N GLU A 762 17.60 -7.55 32.07
CA GLU A 762 18.06 -8.90 31.71
C GLU A 762 18.31 -9.05 30.21
N TYR A 763 17.36 -8.60 29.40
CA TYR A 763 17.43 -8.79 27.97
C TYR A 763 18.51 -7.93 27.32
N PHE A 764 18.56 -6.66 27.70
CA PHE A 764 19.55 -5.72 27.20
C PHE A 764 20.96 -6.25 27.45
N LYS A 765 21.22 -6.66 28.68
CA LYS A 765 22.53 -7.15 29.05
C LYS A 765 22.93 -8.28 28.11
N GLU A 766 22.04 -9.24 27.92
CA GLU A 766 22.32 -10.38 27.04
C GLU A 766 22.47 -9.98 25.59
N PHE A 767 21.64 -9.05 25.12
CA PHE A 767 21.73 -8.58 23.73
C PHE A 767 23.04 -7.84 23.45
N GLU A 768 23.48 -7.01 24.38
CA GLU A 768 24.78 -6.32 24.29
C GLU A 768 25.94 -7.32 24.23
N LYS A 769 25.81 -8.45 24.92
CA LYS A 769 26.85 -9.48 24.95
C LYS A 769 26.99 -10.20 23.61
N GLU A 770 25.85 -10.55 23.01
CA GLU A 770 25.84 -11.51 21.89
C GLU A 770 25.75 -10.82 20.52
N PHE A 771 25.47 -9.51 20.57
CA PHE A 771 25.28 -8.66 19.39
C PHE A 771 26.25 -8.90 18.22
N ARG A 772 27.54 -9.06 18.52
CA ARG A 772 28.58 -9.18 17.48
C ARG A 772 28.52 -10.47 16.65
N GLN A 773 27.74 -11.44 17.11
CA GLN A 773 27.54 -12.70 16.37
C GLN A 773 26.51 -12.57 15.25
N LEU A 774 25.74 -11.49 15.27
CA LEU A 774 24.66 -11.29 14.29
C LEU A 774 25.19 -11.18 12.85
N ASN A 775 24.46 -11.82 11.94
CA ASN A 775 24.72 -11.73 10.51
C ASN A 775 24.72 -10.27 10.04
N TYR A 776 25.73 -9.92 9.25
CA TYR A 776 25.93 -8.54 8.80
C TYR A 776 24.71 -7.89 8.10
N ILE A 777 23.94 -8.68 7.37
CA ILE A 777 22.71 -8.18 6.72
C ILE A 777 21.64 -7.83 7.78
N SER A 778 21.55 -8.64 8.82
CA SER A 778 20.56 -8.45 9.86
C SER A 778 20.83 -7.17 10.69
N ILE A 779 22.02 -6.60 10.53
CA ILE A 779 22.41 -5.40 11.28
C ILE A 779 22.79 -4.18 10.41
N ALA A 780 22.69 -4.32 9.09
CA ALA A 780 22.88 -3.19 8.19
C ALA A 780 21.65 -2.30 8.21
N SER A 781 21.87 -0.98 8.20
CA SER A 781 20.77 -0.03 8.07
C SER A 781 20.27 -0.06 6.63
N VAL A 782 19.10 0.55 6.38
CA VAL A 782 18.59 0.67 5.01
C VAL A 782 18.24 2.11 4.70
N SER A 783 18.55 2.53 3.47
CA SER A 783 18.17 3.84 2.97
C SER A 783 17.86 3.81 1.46
N SER A 784 17.26 4.88 0.95
CA SER A 784 17.03 5.03 -0.49
C SER A 784 18.15 5.83 -1.14
N ALA A 785 18.59 5.38 -2.30
CA ALA A 785 19.71 6.01 -3.02
C ALA A 785 19.27 7.15 -3.95
N ASN A 786 18.92 8.30 -3.36
CA ASN A 786 18.52 9.46 -4.15
C ASN A 786 19.62 10.49 -4.37
N ASN A 787 19.68 11.01 -5.59
CA ASN A 787 20.60 12.08 -5.99
C ASN A 787 22.07 11.78 -5.74
N ILE A 788 22.53 10.61 -6.18
CA ILE A 788 23.93 10.23 -6.03
C ILE A 788 24.81 11.20 -6.80
N ALA A 789 24.48 11.45 -8.07
CA ALA A 789 25.27 12.35 -8.91
C ALA A 789 25.43 13.75 -8.33
N LYS A 790 24.41 14.22 -7.63
CA LYS A 790 24.42 15.55 -7.00
C LYS A 790 25.57 15.71 -6.00
N TYR A 791 25.88 14.63 -5.29
CA TYR A 791 26.89 14.67 -4.25
C TYR A 791 28.18 13.93 -4.64
N ASP A 792 28.29 13.56 -5.91
CA ASP A 792 29.49 12.91 -6.44
C ASP A 792 30.46 13.96 -7.00
N VAL A 793 31.53 14.23 -6.25
CA VAL A 793 32.59 15.11 -6.71
C VAL A 793 33.84 14.27 -7.01
N GLY A 794 33.95 13.82 -8.26
CA GLY A 794 35.05 12.98 -8.72
C GLY A 794 35.29 11.71 -7.90
N GLY A 795 34.21 11.02 -7.56
CA GLY A 795 34.29 9.77 -6.80
C GLY A 795 34.30 9.94 -5.28
N PHE A 796 34.29 11.20 -4.83
CA PHE A 796 34.35 11.52 -3.41
C PHE A 796 33.19 12.42 -2.97
N PRO A 797 32.82 12.37 -1.67
CA PRO A 797 31.64 13.10 -1.19
C PRO A 797 31.74 14.60 -1.36
N GLY A 798 30.73 15.21 -1.98
CA GLY A 798 30.62 16.66 -2.08
C GLY A 798 30.13 17.29 -0.78
N PRO A 799 29.93 18.62 -0.76
CA PRO A 799 29.42 19.32 0.43
C PRO A 799 28.01 18.84 0.83
N LYS A 800 27.75 18.74 2.13
CA LYS A 800 26.46 18.29 2.68
C LYS A 800 26.10 16.84 2.29
N CYS A 801 27.10 16.04 1.92
CA CYS A 801 26.85 14.67 1.44
C CYS A 801 26.20 13.79 2.51
N PRO A 802 24.98 13.26 2.22
CA PRO A 802 24.31 12.41 3.20
C PRO A 802 25.10 11.13 3.49
N PHE A 803 24.95 10.63 4.70
CA PHE A 803 25.69 9.48 5.20
C PHE A 803 25.57 8.26 4.30
N HIS A 804 24.35 7.98 3.83
CA HIS A 804 24.13 6.80 2.99
C HIS A 804 24.70 6.97 1.58
N ILE A 805 24.73 8.21 1.11
CA ILE A 805 25.27 8.56 -0.21
C ILE A 805 26.81 8.44 -0.20
N ARG A 806 27.41 8.81 0.91
CA ARG A 806 28.84 8.61 1.16
C ARG A 806 29.18 7.12 1.04
N GLY A 807 28.33 6.27 1.62
CA GLY A 807 28.51 4.83 1.59
C GLY A 807 28.47 4.27 0.19
N ILE A 808 27.60 4.85 -0.64
CA ILE A 808 27.48 4.44 -2.03
C ILE A 808 28.74 4.83 -2.81
N LEU A 809 29.24 6.04 -2.54
CA LEU A 809 30.45 6.51 -3.22
C LEU A 809 31.67 5.70 -2.81
N THR A 810 31.73 5.33 -1.53
CA THR A 810 32.75 4.42 -1.02
C THR A 810 32.65 3.12 -1.82
N TYR A 811 31.44 2.58 -1.90
CA TYR A 811 31.17 1.39 -2.70
C TYR A 811 31.62 1.55 -4.14
N ASN A 812 31.22 2.65 -4.78
CA ASN A 812 31.56 2.89 -6.20
C ASN A 812 33.06 2.90 -6.46
N ARG A 813 33.83 3.45 -5.53
CA ARG A 813 35.29 3.47 -5.63
C ARG A 813 35.90 2.08 -5.48
N ALA A 814 35.26 1.24 -4.66
CA ALA A 814 35.79 -0.08 -4.34
C ALA A 814 35.53 -1.09 -5.46
N ILE A 815 34.44 -0.90 -6.20
CA ILE A 815 34.12 -1.76 -7.34
C ILE A 815 34.48 -1.13 -8.69
N LYS A 816 35.12 0.04 -8.66
CA LYS A 816 35.38 0.82 -9.87
C LYS A 816 36.10 0.01 -10.93
N GLY A 817 35.53 0.01 -12.13
CA GLY A 817 36.11 -0.69 -13.28
C GLY A 817 35.90 -2.19 -13.26
N ASN A 818 34.91 -2.66 -12.49
CA ASN A 818 34.49 -4.05 -12.53
C ASN A 818 33.08 -4.17 -13.09
N ILE A 819 32.97 -4.71 -14.30
CA ILE A 819 31.68 -4.87 -14.99
C ILE A 819 30.74 -5.86 -14.30
N ASP A 820 31.33 -6.87 -13.66
CA ASP A 820 30.59 -7.92 -12.97
C ASP A 820 29.85 -7.47 -11.70
N ALA A 821 30.35 -6.42 -11.05
CA ALA A 821 29.82 -5.97 -9.76
C ALA A 821 28.43 -5.34 -9.88
N PRO A 822 27.53 -5.67 -8.93
CA PRO A 822 26.23 -5.00 -8.86
C PRO A 822 26.40 -3.50 -8.71
N GLN A 823 25.79 -2.74 -9.61
CA GLN A 823 25.79 -1.29 -9.53
C GLN A 823 24.61 -0.85 -8.67
N VAL A 824 24.82 0.23 -7.92
CA VAL A 824 23.75 0.90 -7.17
C VAL A 824 22.86 1.70 -8.12
N VAL A 825 21.59 1.33 -8.20
CA VAL A 825 20.66 2.05 -9.07
C VAL A 825 20.04 3.27 -8.37
N GLU A 826 20.20 4.42 -9.01
CA GLU A 826 19.61 5.68 -8.54
C GLU A 826 18.14 5.51 -8.14
N GLY A 827 17.84 5.81 -6.89
CA GLY A 827 16.47 5.74 -6.38
C GLY A 827 16.08 4.40 -5.76
N GLU A 828 16.97 3.42 -5.85
CA GLU A 828 16.70 2.12 -5.26
C GLU A 828 17.32 1.99 -3.86
N LYS A 829 17.04 0.91 -3.16
CA LYS A 829 17.48 0.80 -1.77
C LYS A 829 18.83 0.14 -1.56
N VAL A 830 19.54 0.62 -0.54
CA VAL A 830 20.86 0.13 -0.21
C VAL A 830 20.96 -0.24 1.25
N TYR A 831 21.70 -1.31 1.53
CA TYR A 831 22.15 -1.61 2.89
C TYR A 831 23.35 -0.72 3.20
N VAL A 832 23.46 -0.32 4.45
CA VAL A 832 24.51 0.62 4.89
C VAL A 832 25.16 0.11 6.16
N LEU A 833 26.49 0.18 6.22
CA LEU A 833 27.24 -0.22 7.42
C LEU A 833 28.34 0.79 7.76
N PRO A 834 28.53 1.06 9.07
CA PRO A 834 29.68 1.88 9.47
C PRO A 834 30.98 1.08 9.41
N LEU A 835 32.07 1.79 9.15
CA LEU A 835 33.40 1.20 9.05
C LEU A 835 34.35 1.81 10.07
N ARG A 836 35.11 0.96 10.74
CA ARG A 836 36.13 1.39 11.71
C ARG A 836 37.23 2.20 11.03
N GLU A 837 37.79 3.15 11.79
CA GLU A 837 38.84 4.03 11.31
C GLU A 837 40.08 3.26 10.86
N GLY A 838 40.59 3.61 9.67
CA GLY A 838 41.82 3.03 9.14
C GLY A 838 41.57 1.85 8.20
N ASN A 839 40.32 1.70 7.79
CA ASN A 839 39.89 0.64 6.87
C ASN A 839 40.36 0.94 5.43
N PRO A 840 40.46 -0.10 4.59
CA PRO A 840 40.99 0.06 3.22
C PRO A 840 40.06 0.82 2.27
N PHE A 841 38.79 0.92 2.64
CA PHE A 841 37.82 1.63 1.83
C PHE A 841 38.01 3.14 1.88
N GLY A 842 38.75 3.61 2.88
CA GLY A 842 39.13 5.01 2.99
C GLY A 842 38.02 5.95 3.44
N ASP A 843 36.91 5.40 3.97
CA ASP A 843 35.82 6.22 4.51
C ASP A 843 35.09 5.55 5.67
N LYS A 844 34.14 6.28 6.28
CA LYS A 844 33.50 5.82 7.52
C LYS A 844 32.32 4.87 7.33
N CYS A 845 31.85 4.72 6.09
CA CYS A 845 30.71 3.85 5.83
C CYS A 845 30.73 3.35 4.40
N ILE A 846 30.00 2.25 4.19
CA ILE A 846 29.85 1.65 2.86
C ILE A 846 28.41 1.16 2.67
N ALA A 847 27.88 1.35 1.46
CA ALA A 847 26.54 0.93 1.11
C ALA A 847 26.56 0.05 -0.14
N TRP A 848 25.72 -0.97 -0.16
CA TRP A 848 25.57 -1.84 -1.35
C TRP A 848 24.09 -2.10 -1.65
N PRO A 849 23.76 -2.56 -2.87
CA PRO A 849 22.34 -2.78 -3.20
C PRO A 849 21.65 -3.74 -2.23
N SER A 850 20.43 -3.38 -1.83
CA SER A 850 19.71 -4.16 -0.83
C SER A 850 19.13 -5.45 -1.42
N GLY A 851 18.84 -6.41 -0.54
CA GLY A 851 18.32 -7.72 -0.92
C GLY A 851 19.40 -8.69 -1.33
N THR A 852 20.62 -8.18 -1.48
CA THR A 852 21.73 -8.97 -1.98
C THR A 852 22.86 -9.07 -0.96
N GLU A 853 23.58 -10.18 -1.04
CA GLU A 853 24.90 -10.31 -0.45
C GLU A 853 25.80 -9.34 -1.22
N ILE A 854 26.65 -8.64 -0.50
CA ILE A 854 27.62 -7.75 -1.11
C ILE A 854 28.62 -8.59 -1.92
N THR A 855 28.94 -8.13 -3.13
CA THR A 855 29.91 -8.81 -4.02
C THR A 855 31.13 -9.39 -3.29
N ASP A 856 31.49 -10.63 -3.62
CA ASP A 856 32.59 -11.36 -2.98
C ASP A 856 33.92 -10.60 -2.96
N LEU A 857 34.08 -9.70 -3.95
CA LEU A 857 35.24 -8.80 -4.02
C LEU A 857 35.57 -8.13 -2.69
N ILE A 858 34.55 -7.60 -2.01
CA ILE A 858 34.76 -6.75 -0.84
C ILE A 858 34.12 -7.30 0.45
N LYS A 859 33.33 -8.35 0.31
CA LYS A 859 32.62 -8.95 1.46
C LYS A 859 33.54 -9.17 2.66
N ASP A 860 34.65 -9.85 2.42
CA ASP A 860 35.63 -10.18 3.46
C ASP A 860 36.13 -8.97 4.22
N ASP A 861 36.41 -7.89 3.49
CA ASP A 861 36.92 -6.66 4.09
C ASP A 861 35.83 -5.89 4.83
N VAL A 862 34.60 -5.96 4.33
CA VAL A 862 33.47 -5.31 4.99
C VAL A 862 33.26 -5.96 6.35
N LEU A 863 33.19 -7.29 6.37
CA LEU A 863 32.90 -8.04 7.60
C LEU A 863 33.99 -7.88 8.63
N HIS A 864 35.20 -7.60 8.17
CA HIS A 864 36.36 -7.47 9.03
C HIS A 864 36.46 -6.05 9.58
N TRP A 865 36.04 -5.06 8.79
CA TRP A 865 36.12 -3.65 9.19
C TRP A 865 34.80 -3.04 9.64
N MET A 866 33.77 -3.86 9.78
CA MET A 866 32.46 -3.46 10.30
C MET A 866 32.59 -2.88 11.70
N ASP A 867 32.00 -1.71 11.92
CA ASP A 867 32.04 -1.07 13.22
C ASP A 867 30.80 -1.40 14.04
N TYR A 868 30.91 -2.47 14.83
CA TYR A 868 29.82 -2.95 15.68
C TYR A 868 29.46 -1.98 16.78
N THR A 869 30.46 -1.32 17.36
CA THR A 869 30.25 -0.36 18.45
C THR A 869 29.37 0.81 17.97
N VAL A 870 29.75 1.41 16.85
CA VAL A 870 28.95 2.48 16.25
C VAL A 870 27.55 1.95 15.94
N LEU A 871 27.53 0.75 15.38
CA LEU A 871 26.29 0.10 15.00
C LEU A 871 25.38 -0.07 16.22
N LEU A 872 25.95 -0.57 17.31
CA LEU A 872 25.20 -0.79 18.53
C LEU A 872 24.67 0.53 19.10
N GLU A 873 25.54 1.55 19.15
CA GLU A 873 25.16 2.84 19.70
C GLU A 873 24.07 3.56 18.91
N LYS A 874 24.24 3.62 17.59
CA LYS A 874 23.36 4.41 16.75
C LYS A 874 21.94 3.84 16.60
N THR A 875 21.84 2.55 16.34
CA THR A 875 20.56 1.95 15.94
C THR A 875 19.81 1.29 17.10
N PHE A 876 20.53 0.94 18.16
CA PHE A 876 19.92 0.20 19.25
C PHE A 876 19.89 0.99 20.55
N ILE A 877 21.05 1.38 21.06
CA ILE A 877 21.13 2.00 22.38
C ILE A 877 20.42 3.35 22.46
N LYS A 878 20.69 4.23 21.49
CA LYS A 878 20.05 5.54 21.47
C LYS A 878 18.51 5.46 21.42
N PRO A 879 17.93 4.69 20.48
CA PRO A 879 16.48 4.52 20.54
C PRO A 879 15.99 3.93 21.86
N LEU A 880 16.66 2.91 22.38
CA LEU A 880 16.27 2.31 23.67
C LEU A 880 16.29 3.34 24.81
N GLU A 881 17.35 4.15 24.87
CA GLU A 881 17.47 5.22 25.85
C GLU A 881 16.29 6.19 25.72
N GLY A 882 15.89 6.46 24.48
CA GLY A 882 14.70 7.24 24.19
C GLY A 882 13.45 6.64 24.81
N PHE A 883 13.25 5.33 24.63
CA PHE A 883 12.07 4.65 25.15
C PHE A 883 12.05 4.73 26.66
N THR A 884 13.16 4.29 27.25
CA THR A 884 13.25 4.08 28.69
C THR A 884 13.14 5.37 29.48
N SER A 885 13.77 6.44 29.00
CA SER A 885 13.68 7.73 29.67
C SER A 885 12.25 8.29 29.58
N ALA A 886 11.64 8.20 28.41
CA ALA A 886 10.22 8.56 28.27
C ALA A 886 9.37 7.77 29.27
N ALA A 887 9.69 6.49 29.44
CA ALA A 887 8.94 5.62 30.33
C ALA A 887 9.41 5.65 31.79
N LYS A 888 10.41 6.48 32.08
CA LYS A 888 11.05 6.59 33.42
C LYS A 888 11.59 5.25 33.91
N LEU A 889 12.27 4.53 33.02
CA LEU A 889 12.96 3.28 33.35
C LEU A 889 14.46 3.37 33.10
N ASP A 890 15.18 2.41 33.66
CA ASP A 890 16.58 2.24 33.34
C ASP A 890 16.79 0.88 32.67
N TYR A 891 17.55 0.88 31.58
CA TYR A 891 17.86 -0.39 30.92
C TYR A 891 19.07 -1.05 31.57
N GLU A 892 19.85 -0.26 32.30
CA GLU A 892 20.95 -0.78 33.11
C GLU A 892 20.63 -0.57 34.58
N LYS A 893 20.83 -1.61 35.38
CA LYS A 893 20.55 -1.53 36.82
C LYS A 893 21.40 -0.45 37.49
N LYS A 894 20.72 0.49 38.14
CA LYS A 894 21.37 1.50 38.97
C LYS A 894 21.88 0.87 40.26
N ALA A 895 23.01 1.37 40.76
CA ALA A 895 23.61 0.86 41.99
C ALA A 895 22.76 1.19 43.22
N SER A 896 22.60 0.22 44.12
CA SER A 896 21.83 0.40 45.35
C SER A 896 22.65 0.07 46.60
N LEU A 897 22.12 0.47 47.76
CA LEU A 897 22.76 0.21 49.05
C LEU A 897 22.90 -1.28 49.35
N PHE A 898 22.10 -2.10 48.67
CA PHE A 898 22.17 -3.56 48.78
C PHE A 898 23.48 -4.17 48.28
N ASP A 899 24.20 -3.43 47.44
CA ASP A 899 25.55 -3.81 47.04
C ASP A 899 26.52 -3.38 48.15
N MET A 900 27.18 -4.34 48.81
CA MET A 900 26.98 -5.77 48.62
C MET A 900 26.92 -6.44 49.99
N PHE A 901 26.19 -7.56 50.06
CA PHE A 901 26.08 -8.34 51.29
C PHE A 901 26.61 -9.78 51.15
N ASP A 902 26.88 -10.19 49.91
CA ASP A 902 27.54 -11.46 49.63
C ASP A 902 29.00 -11.47 50.10
N PHE A 903 29.61 -10.28 50.10
CA PHE A 903 31.00 -10.05 50.57
C PHE A 903 32.02 -10.97 49.90
P 2PR B 2 -2.66 10.71 -9.01
OP1 2PR B 2 -3.71 10.40 -10.46
OP2 2PR B 2 -1.08 9.87 -8.72
O5' 2PR B 2 -3.26 11.54 -7.65
C5' 2PR B 2 -2.36 11.94 -6.63
C4' 2PR B 2 -3.25 12.66 -5.63
O4' 2PR B 2 -4.22 11.73 -5.13
C3' 2PR B 2 -2.50 13.17 -4.42
O3' 2PR B 2 -2.05 14.49 -4.67
C2' 2PR B 2 -3.57 13.13 -3.36
C1' 2PR B 2 -4.38 11.91 -3.73
N9 2PR B 2 -3.78 10.76 -3.00
C8 2PR B 2 -3.09 9.73 -3.53
N7 2PR B 2 -2.69 8.91 -2.52
C5 2PR B 2 -3.16 9.44 -1.36
C6 2PR B 2 -3.07 9.06 -0.02
N1 2PR B 2 -3.64 9.82 0.93
C2 2PR B 2 -4.29 10.96 0.60
N2 2PR B 2 -4.87 11.71 1.58
N3 2PR B 2 -4.39 11.36 -0.69
C4 2PR B 2 -3.83 10.61 -1.67
P 2DA C 13 -1.04 6.60 14.16
OP1 2DA C 13 -1.35 7.22 15.50
OP2 2DA C 13 -1.18 5.11 14.00
O5' 2DA C 13 -1.89 7.30 12.99
C5' 2DA C 13 -2.85 8.30 13.29
C4' 2DA C 13 -3.03 9.31 12.16
O4' 2DA C 13 -2.03 9.27 11.14
C3' 2DA C 13 -4.35 9.06 11.47
C2' 2DA C 13 -4.09 9.47 10.04
C1' 2DA C 13 -2.62 9.85 9.98
N9 2DA C 13 -2.05 9.37 8.70
C8 2DA C 13 -1.56 8.14 8.43
N7 2DA C 13 -1.15 8.10 7.13
C5 2DA C 13 -1.39 9.33 6.61
C6 2DA C 13 -1.19 9.89 5.35
N6 2DA C 13 -0.64 9.15 4.36
N1 2DA C 13 -1.56 11.19 5.13
C2 2DA C 13 -2.10 11.93 6.12
N3 2DA C 13 -2.31 11.40 7.34
C4 2DA C 13 -1.96 10.12 7.60
N1 DCP D . -5.77 10.46 6.20
C2 DCP D . -5.40 10.95 4.96
N3 DCP D . -4.67 10.16 4.09
C4 DCP D . -4.28 8.89 4.47
C5 DCP D . -4.72 8.36 5.67
C6 DCP D . -5.37 9.19 6.59
O2 DCP D . -5.69 12.11 4.61
N4 DCP D . -3.49 8.20 3.67
C1' DCP D . -6.83 11.17 6.96
C2' DCP D . -8.20 10.78 6.42
C3' DCP D . -8.75 9.83 7.47
C4' DCP D . -8.05 10.30 8.73
O4' DCP D . -6.80 10.81 8.33
O3' DCP D . -10.15 9.93 7.52
C5' DCP D . -7.80 9.18 9.73
O5' DCP D . -7.20 8.06 9.10
PA DCP D . -7.44 6.59 9.74
O1A DCP D . -6.17 5.81 9.58
O2A DCP D . -7.88 6.63 11.18
O3A DCP D . -8.61 5.89 8.86
PB DCP D . -10.08 6.48 8.59
O1B DCP D . -10.11 7.28 7.33
O2B DCP D . -10.62 7.29 9.76
O3B DCP D . -10.91 5.14 8.35
PG DCP D . -11.09 4.03 9.50
O1G DCP D . -10.62 4.59 10.82
O2G DCP D . -12.54 3.69 9.58
O3G DCP D . -10.26 2.81 9.17
CA CA E . -10.39 6.58 11.95
CA CA F . -6.90 6.72 13.47
CA CA G . -9.62 -29.57 22.02
CA CA H . -13.33 1.84 13.89
CA CA I . 16.00 -13.84 -13.36
#